data_6J1Y
#
_entry.id   6J1Y
#
_cell.length_a   60.019
_cell.length_b   59.370
_cell.length_c   85.075
_cell.angle_alpha   99.39
_cell.angle_beta   92.29
_cell.angle_gamma   108.75
#
_symmetry.space_group_name_H-M   'P 1'
#
loop_
_entity.id
_entity.type
_entity.pdbx_description
1 polymer 'NEDD4-like E3 ubiquitin-protein ligase WWP1'
2 non-polymer GLYCEROL
3 water water
#
_entity_poly.entity_id   1
_entity_poly.type   'polypeptide(L)'
_entity_poly.pdbx_seq_one_letter_code
;GPGSEFQRPTMESVRNFEQWQSQRNQLQGAMQQFNQRYLYSASMLAAENDPYGPLPPGWEKRVDSTDRVYFVNHNTKTTQ
WEDPRTQGLQNEEPLPEGWEIRYTREGVRYFVDHNTRTTTFKDPRNGKSSVTKGGPQIAYERGFRWKLAHFRYLCQSNAL
PSHVKINVSRQTLFEDSFQQIMALKPYDLRRRLYVIFRGEEGLDYGGLAREWFFLLSHEVLNPMYCLFEYAGKNNYCLQI
NPASTINPDHLSYFCFIGRFIAMALFHGKFIDTGFSLPFYKRMLSKKLTIKDLESIDTEFYNSLIWIRDNNIEECGLEMY
FSVDMEILGKVTSHDLKLGGSNILVTEENKDEYIGLMTEWRFSRGVQEQTKAFLDGFNEVVPLQWLQYFDEKELEVMLCG
MQEVDLADWQRNTVYRHYTRNSKQIIWFWQFVKETDNEVRMRLLQFVTGTCRLPLGGFAELMGSNGPQKFCIEKVGKDTW
LPRSHTCFNRLDLPPYKSYEQLKEKLLFAIEETEGFGQE
;
_entity_poly.pdbx_strand_id   A,B
#
loop_
_chem_comp.id
_chem_comp.type
_chem_comp.name
_chem_comp.formula
GOL non-polymer GLYCEROL 'C3 H8 O3'
#
# COMPACT_ATOMS: atom_id res chain seq x y z
N LEU A 27 -0.28 4.04 27.37
CA LEU A 27 -1.62 4.63 27.30
C LEU A 27 -1.75 5.90 28.15
N GLN A 28 -0.67 6.24 28.87
CA GLN A 28 -0.71 7.33 29.85
C GLN A 28 -0.84 8.70 29.17
N GLY A 29 -0.02 8.97 28.15
CA GLY A 29 -0.17 10.23 27.43
C GLY A 29 -1.57 10.45 26.89
N ALA A 30 -2.24 9.37 26.46
CA ALA A 30 -3.60 9.52 25.98
C ALA A 30 -4.55 9.90 27.11
N MET A 31 -4.28 9.39 28.32
CA MET A 31 -5.15 9.69 29.46
C MET A 31 -5.06 11.15 29.87
N GLN A 32 -3.84 11.67 30.09
CA GLN A 32 -3.71 13.08 30.42
C GLN A 32 -4.47 13.93 29.44
N GLN A 33 -4.26 13.68 28.15
CA GLN A 33 -5.04 14.40 27.14
C GLN A 33 -6.52 14.08 27.26
N PHE A 34 -6.86 12.92 27.81
CA PHE A 34 -8.28 12.57 27.95
C PHE A 34 -8.96 13.41 29.03
N ASN A 35 -8.43 13.39 30.24
CA ASN A 35 -9.02 14.17 31.32
C ASN A 35 -9.03 15.66 30.99
N GLN A 36 -7.97 16.15 30.34
CA GLN A 36 -7.93 17.55 29.95
C GLN A 36 -9.11 17.90 29.04
N ARG A 37 -9.51 16.98 28.14
CA ARG A 37 -10.72 17.21 27.35
C ARG A 37 -11.97 17.28 28.23
N TYR A 38 -12.01 16.53 29.33
CA TYR A 38 -13.14 16.62 30.25
C TYR A 38 -13.27 18.01 30.83
N LEU A 39 -12.15 18.68 31.10
CA LEU A 39 -12.17 20.02 31.69
C LEU A 39 -12.53 21.07 30.66
N TYR A 40 -11.98 20.95 29.45
CA TYR A 40 -12.34 21.87 28.39
C TYR A 40 -13.80 21.73 28.00
N SER A 41 -14.41 20.58 28.25
CA SER A 41 -15.69 20.26 27.67
C SER A 41 -16.82 20.26 28.68
N ALA A 42 -16.60 20.80 29.89
CA ALA A 42 -17.59 20.76 30.96
C ALA A 42 -18.95 21.28 30.51
N SER A 43 -18.96 22.40 29.78
CA SER A 43 -20.21 22.98 29.29
C SER A 43 -21.05 21.94 28.54
N MET A 44 -20.41 20.91 27.97
CA MET A 44 -21.21 19.94 27.24
C MET A 44 -22.14 19.15 28.13
N LEU A 45 -21.95 19.17 29.43
CA LEU A 45 -22.86 18.43 30.29
C LEU A 45 -24.08 19.23 30.72
N ALA A 46 -24.20 20.50 30.31
CA ALA A 46 -25.35 21.30 30.70
C ALA A 46 -26.64 20.77 30.09
N ALA A 47 -27.71 20.87 30.86
CA ALA A 47 -29.04 20.45 30.42
C ALA A 47 -29.95 21.67 30.34
N GLU A 48 -30.89 21.63 29.40
CA GLU A 48 -31.96 22.61 29.39
C GLU A 48 -32.76 22.52 30.70
N ASN A 49 -33.25 23.67 31.17
CA ASN A 49 -33.98 23.72 32.44
C ASN A 49 -35.44 23.37 32.22
N ASP A 50 -36.16 24.24 31.59
CA ASP A 50 -37.51 23.99 31.12
C ASP A 50 -37.46 23.69 29.63
N PRO A 51 -38.57 23.28 29.02
CA PRO A 51 -38.63 23.21 27.56
C PRO A 51 -39.04 24.51 26.88
N TYR A 52 -39.13 25.62 27.62
CA TYR A 52 -39.85 26.80 27.15
C TYR A 52 -38.96 27.85 26.52
N GLY A 53 -37.64 27.68 26.54
CA GLY A 53 -36.77 28.49 25.73
C GLY A 53 -36.06 29.60 26.47
N PRO A 54 -35.14 30.28 25.77
CA PRO A 54 -34.38 31.36 26.38
C PRO A 54 -35.27 32.52 26.79
N LEU A 55 -34.77 33.33 27.72
CA LEU A 55 -35.54 34.55 27.96
C LEU A 55 -35.03 35.66 27.04
N PRO A 56 -35.91 36.49 26.49
CA PRO A 56 -35.48 37.46 25.49
C PRO A 56 -34.87 38.68 26.14
N PRO A 57 -33.56 38.92 25.95
CA PRO A 57 -32.78 40.04 26.48
C PRO A 57 -33.41 41.39 26.20
N TYR A 140 -30.44 30.56 9.15
CA TYR A 140 -30.27 29.31 9.87
C TYR A 140 -28.88 29.16 10.51
N GLU A 141 -28.88 28.84 11.80
CA GLU A 141 -27.67 28.56 12.55
C GLU A 141 -27.80 27.18 13.16
N ARG A 142 -26.67 26.47 13.31
CA ARG A 142 -26.73 25.04 13.56
C ARG A 142 -27.26 24.71 14.94
N GLY A 143 -27.01 25.56 15.94
CA GLY A 143 -27.53 25.35 17.28
C GLY A 143 -26.98 24.15 18.01
N PHE A 144 -25.68 23.93 17.93
CA PHE A 144 -25.10 22.75 18.58
C PHE A 144 -25.33 22.78 20.08
N ARG A 145 -24.87 23.85 20.74
CA ARG A 145 -24.91 23.91 22.20
C ARG A 145 -26.30 23.62 22.75
N TRP A 146 -27.33 24.03 22.01
CA TRP A 146 -28.68 23.84 22.47
C TRP A 146 -29.18 22.43 22.17
N LYS A 147 -28.80 21.84 21.03
CA LYS A 147 -29.12 20.43 20.80
C LYS A 147 -28.48 19.54 21.86
N LEU A 148 -27.22 19.81 22.17
CA LEU A 148 -26.57 19.08 23.24
C LEU A 148 -27.28 19.30 24.58
N ALA A 149 -27.77 20.51 24.82
CA ALA A 149 -28.39 20.77 26.11
C ALA A 149 -29.72 20.06 26.22
N HIS A 150 -30.47 20.01 25.12
CA HIS A 150 -31.76 19.33 25.09
C HIS A 150 -31.57 17.83 25.08
N PHE A 151 -30.49 17.33 24.47
CA PHE A 151 -30.21 15.89 24.55
C PHE A 151 -29.94 15.47 25.99
N ARG A 152 -29.17 16.28 26.74
CA ARG A 152 -28.88 15.93 28.12
C ARG A 152 -30.16 15.97 28.97
N TYR A 153 -31.03 16.96 28.74
CA TYR A 153 -32.30 16.96 29.45
C TYR A 153 -33.12 15.72 29.12
N LEU A 154 -33.08 15.25 27.87
CA LEU A 154 -33.81 14.07 27.47
C LEU A 154 -33.32 12.82 28.20
N CYS A 155 -32.02 12.56 28.14
CA CYS A 155 -31.44 11.44 28.88
C CYS A 155 -31.74 11.55 30.37
N GLN A 156 -31.52 12.74 30.93
CA GLN A 156 -31.72 12.94 32.35
C GLN A 156 -33.17 12.73 32.72
N SER A 157 -34.09 13.14 31.85
CA SER A 157 -35.50 12.86 32.10
C SER A 157 -35.81 11.38 32.00
N ASN A 158 -34.99 10.59 31.32
CA ASN A 158 -35.26 9.17 31.10
C ASN A 158 -34.32 8.28 31.90
N ALA A 159 -33.59 8.86 32.85
CA ALA A 159 -32.76 8.08 33.75
C ALA A 159 -33.60 7.30 34.74
N LEU A 160 -33.06 6.13 35.15
CA LEU A 160 -33.81 5.33 36.08
C LEU A 160 -33.14 5.31 37.45
N PRO A 161 -33.91 5.12 38.52
CA PRO A 161 -33.36 5.23 39.87
C PRO A 161 -32.47 4.06 40.24
N SER A 162 -31.60 4.33 41.22
CA SER A 162 -30.63 3.38 41.71
C SER A 162 -29.55 3.14 40.65
N HIS A 163 -28.87 2.00 40.71
CA HIS A 163 -27.62 1.83 39.98
C HIS A 163 -27.49 0.40 39.49
N VAL A 164 -26.53 0.19 38.59
CA VAL A 164 -26.08 -1.14 38.23
C VAL A 164 -24.61 -1.22 38.58
N LYS A 165 -24.23 -2.33 39.21
CA LYS A 165 -22.84 -2.55 39.58
C LYS A 165 -22.07 -3.03 38.36
N ILE A 166 -20.81 -2.61 38.27
CA ILE A 166 -19.92 -3.09 37.23
C ILE A 166 -18.58 -3.33 37.91
N ASN A 167 -18.16 -4.58 37.97
CA ASN A 167 -17.07 -5.03 38.82
C ASN A 167 -15.98 -5.60 37.91
N VAL A 168 -14.88 -4.87 37.75
CA VAL A 168 -13.86 -5.23 36.77
C VAL A 168 -12.48 -5.30 37.44
N SER A 169 -11.65 -6.22 36.97
CA SER A 169 -10.24 -6.20 37.33
C SER A 169 -9.47 -5.59 36.16
N ARG A 170 -8.46 -4.78 36.49
CA ARG A 170 -7.74 -4.06 35.44
C ARG A 170 -7.09 -5.03 34.46
N GLN A 171 -6.50 -6.10 34.95
CA GLN A 171 -5.76 -6.98 34.06
C GLN A 171 -6.66 -7.81 33.18
N THR A 172 -7.97 -7.66 33.29
CA THR A 172 -8.92 -8.48 32.55
C THR A 172 -10.16 -7.68 32.19
N LEU A 173 -9.95 -6.39 31.89
CA LEU A 173 -11.03 -5.40 31.90
C LEU A 173 -12.07 -5.68 30.81
N PHE A 174 -11.63 -5.94 29.58
CA PHE A 174 -12.57 -6.09 28.47
C PHE A 174 -13.52 -7.26 28.69
N GLU A 175 -12.95 -8.45 28.90
CA GLU A 175 -13.78 -9.65 29.03
C GLU A 175 -14.75 -9.51 30.20
N ASP A 176 -14.26 -9.03 31.35
CA ASP A 176 -15.11 -8.85 32.53
C ASP A 176 -16.25 -7.88 32.23
N SER A 177 -15.94 -6.74 31.59
CA SER A 177 -16.98 -5.77 31.25
C SER A 177 -17.95 -6.35 30.23
N PHE A 178 -17.43 -7.11 29.25
CA PHE A 178 -18.31 -7.74 28.28
C PHE A 178 -19.32 -8.63 28.99
N GLN A 179 -18.84 -9.54 29.82
CA GLN A 179 -19.72 -10.43 30.57
C GLN A 179 -20.79 -9.65 31.31
N GLN A 180 -20.39 -8.62 32.04
CA GLN A 180 -21.32 -7.98 32.95
C GLN A 180 -22.25 -7.03 32.22
N ILE A 181 -21.75 -6.32 31.20
CA ILE A 181 -22.67 -5.48 30.44
C ILE A 181 -23.67 -6.34 29.69
N MET A 182 -23.23 -7.49 29.15
CA MET A 182 -24.20 -8.26 28.36
C MET A 182 -25.31 -8.87 29.22
N ALA A 183 -25.03 -9.18 30.50
CA ALA A 183 -26.04 -9.84 31.33
C ALA A 183 -27.06 -8.86 31.92
N LEU A 184 -26.78 -7.57 31.92
CA LEU A 184 -27.75 -6.60 32.41
C LEU A 184 -28.83 -6.38 31.36
N LYS A 185 -30.07 -6.18 31.81
CA LYS A 185 -31.10 -5.83 30.87
C LYS A 185 -30.75 -4.48 30.23
N PRO A 186 -31.12 -4.27 28.96
CA PRO A 186 -30.69 -3.03 28.28
C PRO A 186 -31.11 -1.76 28.99
N TYR A 187 -32.35 -1.70 29.51
CA TYR A 187 -32.79 -0.47 30.11
C TYR A 187 -32.23 -0.27 31.51
N ASP A 188 -31.80 -1.33 32.19
CA ASP A 188 -31.05 -1.17 33.42
C ASP A 188 -29.77 -0.38 33.20
N LEU A 189 -29.32 -0.26 31.97
CA LEU A 189 -28.15 0.54 31.71
C LEU A 189 -28.43 2.04 31.77
N ARG A 190 -29.68 2.45 32.05
CA ARG A 190 -30.00 3.85 32.31
C ARG A 190 -30.04 4.21 33.80
N ARG A 191 -29.73 3.29 34.70
CA ARG A 191 -29.52 3.67 36.10
C ARG A 191 -28.14 4.29 36.23
N ARG A 192 -27.81 4.69 37.46
CA ARG A 192 -26.45 5.13 37.76
C ARG A 192 -25.46 4.03 37.44
N LEU A 193 -24.35 4.40 36.82
CA LEU A 193 -23.22 3.50 36.66
C LEU A 193 -22.39 3.54 37.95
N TYR A 194 -22.13 2.37 38.53
CA TYR A 194 -21.24 2.25 39.69
C TYR A 194 -20.18 1.21 39.37
N VAL A 195 -18.96 1.66 39.17
CA VAL A 195 -17.86 0.80 38.75
C VAL A 195 -16.89 0.62 39.90
N ILE A 196 -16.53 -0.63 40.18
CA ILE A 196 -15.46 -0.98 41.12
C ILE A 196 -14.33 -1.63 40.32
N PHE A 197 -13.10 -1.22 40.58
CA PHE A 197 -11.93 -1.92 40.09
C PHE A 197 -11.44 -2.83 41.20
N ARG A 198 -11.51 -4.15 40.96
CA ARG A 198 -11.43 -5.16 42.03
C ARG A 198 -10.16 -5.03 42.85
N GLY A 199 -10.32 -4.90 44.18
CA GLY A 199 -9.20 -4.71 45.08
C GLY A 199 -8.32 -3.52 44.75
N GLU A 200 -8.89 -2.31 44.74
CA GLU A 200 -8.13 -1.14 44.28
C GLU A 200 -8.75 0.13 44.81
N GLU A 201 -7.96 0.89 45.59
CA GLU A 201 -8.21 2.31 45.93
C GLU A 201 -9.60 2.46 46.54
N GLY A 202 -10.42 3.41 46.07
CA GLY A 202 -11.69 3.70 46.71
C GLY A 202 -12.91 3.36 45.88
N LEU A 203 -13.95 4.18 46.01
CA LEU A 203 -15.24 3.89 45.41
C LEU A 203 -15.52 4.84 44.24
N ASP A 204 -16.53 4.49 43.44
CA ASP A 204 -16.92 5.27 42.27
C ASP A 204 -17.78 6.45 42.70
N TYR A 205 -17.22 7.66 42.62
CA TYR A 205 -17.97 8.91 42.69
C TYR A 205 -18.23 9.47 41.28
N GLY A 206 -18.13 8.65 40.25
CA GLY A 206 -18.10 9.08 38.88
C GLY A 206 -16.74 8.96 38.23
N GLY A 207 -15.67 9.06 39.03
CA GLY A 207 -14.32 9.13 38.47
C GLY A 207 -13.83 7.79 37.93
N LEU A 208 -14.18 6.70 38.62
CA LEU A 208 -13.75 5.40 38.14
C LEU A 208 -14.50 5.00 36.87
N ALA A 209 -15.72 5.51 36.67
CA ALA A 209 -16.46 5.19 35.46
C ALA A 209 -15.91 5.92 34.24
N ARG A 210 -15.42 7.14 34.45
CA ARG A 210 -14.68 7.83 33.40
C ARG A 210 -13.44 7.05 33.03
N GLU A 211 -12.71 6.58 34.03
CA GLU A 211 -11.59 5.69 33.78
C GLU A 211 -12.05 4.49 32.98
N TRP A 212 -13.16 3.87 33.39
CA TRP A 212 -13.62 2.66 32.74
C TRP A 212 -13.92 2.89 31.27
N PHE A 213 -14.67 3.96 30.96
CA PHE A 213 -14.97 4.25 29.56
C PHE A 213 -13.70 4.50 28.75
N PHE A 214 -12.73 5.21 29.32
CA PHE A 214 -11.46 5.42 28.63
C PHE A 214 -10.78 4.10 28.34
N LEU A 215 -10.62 3.26 29.37
CA LEU A 215 -9.89 2.00 29.20
C LEU A 215 -10.64 1.05 28.28
N LEU A 216 -11.97 1.05 28.35
CA LEU A 216 -12.71 0.18 27.45
C LEU A 216 -12.55 0.62 26.01
N SER A 217 -12.68 1.92 25.74
CA SER A 217 -12.62 2.34 24.35
C SER A 217 -11.29 1.99 23.72
N HIS A 218 -10.24 1.86 24.53
CA HIS A 218 -8.95 1.40 24.01
C HIS A 218 -8.87 -0.13 23.96
N GLU A 219 -9.30 -0.81 25.03
CA GLU A 219 -9.10 -2.25 25.11
C GLU A 219 -9.80 -2.98 23.97
N VAL A 220 -10.82 -2.36 23.38
CA VAL A 220 -11.55 -3.00 22.31
C VAL A 220 -10.71 -3.13 21.03
N LEU A 221 -9.67 -2.31 20.87
CA LEU A 221 -8.80 -2.38 19.71
C LEU A 221 -7.76 -3.47 19.82
N ASN A 222 -7.70 -4.17 20.96
CA ASN A 222 -6.71 -5.21 21.14
C ASN A 222 -6.82 -6.24 20.02
N PRO A 223 -5.71 -6.61 19.39
CA PRO A 223 -5.81 -7.42 18.17
C PRO A 223 -6.44 -8.77 18.39
N MET A 224 -6.30 -9.35 19.59
CA MET A 224 -6.70 -10.74 19.79
C MET A 224 -8.19 -10.96 19.58
N TYR A 225 -9.01 -9.91 19.61
CA TYR A 225 -10.42 -10.08 19.32
C TYR A 225 -10.77 -9.84 17.86
N CYS A 226 -9.87 -9.20 17.08
CA CYS A 226 -9.94 -9.14 15.62
C CYS A 226 -11.09 -8.28 15.12
N LEU A 227 -11.59 -7.35 15.94
CA LEU A 227 -12.80 -6.63 15.61
C LEU A 227 -12.59 -5.43 14.70
N PHE A 228 -11.36 -4.91 14.64
CA PHE A 228 -11.09 -3.62 14.03
C PHE A 228 -9.76 -3.70 13.29
N GLU A 229 -9.62 -2.92 12.22
CA GLU A 229 -8.34 -2.84 11.50
C GLU A 229 -7.23 -2.23 12.38
N TYR A 230 -5.98 -2.55 12.00
CA TYR A 230 -4.71 -2.25 12.70
C TYR A 230 -4.35 -3.36 13.71
N ASN A 235 -3.57 4.47 17.99
CA ASN A 235 -4.76 4.55 17.14
C ASN A 235 -5.97 5.01 17.93
N TYR A 236 -6.87 5.75 17.30
CA TYR A 236 -8.14 6.15 17.88
C TYR A 236 -9.26 5.92 16.89
N CYS A 237 -8.96 5.24 15.79
CA CYS A 237 -9.89 5.03 14.68
C CYS A 237 -10.46 3.63 14.75
N LEU A 238 -11.77 3.55 14.87
CA LEU A 238 -12.48 2.30 14.80
C LEU A 238 -13.02 2.14 13.38
N GLN A 239 -12.48 1.15 12.68
CA GLN A 239 -13.04 0.69 11.41
C GLN A 239 -13.34 -0.79 11.59
N ILE A 240 -14.60 -1.18 11.38
CA ILE A 240 -14.92 -2.59 11.55
C ILE A 240 -14.12 -3.45 10.58
N ASN A 241 -13.62 -4.59 11.07
CA ASN A 241 -12.83 -5.50 10.23
C ASN A 241 -13.77 -6.51 9.53
N PRO A 242 -13.72 -6.61 8.19
CA PRO A 242 -14.48 -7.71 7.53
C PRO A 242 -14.12 -9.09 8.04
N ALA A 243 -12.85 -9.34 8.31
CA ALA A 243 -12.44 -10.63 8.81
C ALA A 243 -12.77 -10.81 10.34
N SER A 244 -13.63 -9.98 10.92
CA SER A 244 -14.00 -10.16 12.32
C SER A 244 -14.66 -11.50 12.55
N THR A 245 -15.21 -12.11 11.50
CA THR A 245 -15.78 -13.45 11.58
C THR A 245 -14.76 -14.49 12.05
N ILE A 246 -13.46 -14.17 11.99
CA ILE A 246 -12.44 -15.04 12.59
C ILE A 246 -12.84 -15.39 14.01
N ASN A 247 -13.36 -14.42 14.74
CA ASN A 247 -13.91 -14.56 16.07
C ASN A 247 -15.35 -15.03 15.95
N PRO A 248 -15.64 -16.26 16.37
CA PRO A 248 -16.97 -16.83 16.11
C PRO A 248 -18.09 -16.10 16.80
N ASP A 249 -17.78 -15.22 17.78
CA ASP A 249 -18.79 -14.52 18.56
C ASP A 249 -18.73 -13.03 18.32
N HIS A 250 -18.09 -12.62 17.21
CA HIS A 250 -17.87 -11.22 16.96
C HIS A 250 -19.17 -10.42 16.90
N LEU A 251 -20.28 -11.05 16.50
CA LEU A 251 -21.56 -10.36 16.52
C LEU A 251 -21.97 -9.98 17.94
N SER A 252 -21.73 -10.85 18.93
CA SER A 252 -22.12 -10.44 20.27
C SER A 252 -21.18 -9.37 20.84
N TYR A 253 -19.90 -9.38 20.46
CA TYR A 253 -19.00 -8.29 20.87
C TYR A 253 -19.44 -6.95 20.30
N PHE A 254 -20.03 -6.93 19.10
CA PHE A 254 -20.39 -5.63 18.49
C PHE A 254 -21.65 -5.05 19.13
N CYS A 255 -22.63 -5.90 19.45
CA CYS A 255 -23.71 -5.51 20.35
C CYS A 255 -23.17 -4.81 21.59
N PHE A 256 -22.20 -5.42 22.26
CA PHE A 256 -21.62 -4.84 23.47
C PHE A 256 -21.02 -3.46 23.18
N ILE A 257 -20.25 -3.35 22.10
CA ILE A 257 -19.68 -2.04 21.75
C ILE A 257 -20.81 -1.06 21.42
N GLY A 258 -21.92 -1.54 20.86
CA GLY A 258 -23.05 -0.65 20.66
C GLY A 258 -23.68 -0.20 21.97
N ARG A 259 -23.89 -1.13 22.91
CA ARG A 259 -24.41 -0.76 24.22
C ARG A 259 -23.42 0.14 24.95
N PHE A 260 -22.14 -0.16 24.82
CA PHE A 260 -21.13 0.59 25.55
C PHE A 260 -21.07 2.04 25.08
N ILE A 261 -21.25 2.26 23.78
CA ILE A 261 -21.14 3.60 23.22
C ILE A 261 -22.37 4.43 23.61
N ALA A 262 -23.56 3.86 23.47
CA ALA A 262 -24.78 4.55 23.90
C ALA A 262 -24.73 4.93 25.37
N MET A 263 -24.29 3.99 26.23
CA MET A 263 -24.14 4.27 27.65
C MET A 263 -23.32 5.53 27.90
N ALA A 264 -22.24 5.71 27.14
CA ALA A 264 -21.42 6.92 27.29
C ALA A 264 -22.22 8.17 26.92
N LEU A 265 -22.92 8.14 25.79
CA LEU A 265 -23.77 9.28 25.43
C LEU A 265 -24.83 9.50 26.49
N PHE A 266 -25.52 8.44 26.88
CA PHE A 266 -26.56 8.56 27.89
C PHE A 266 -26.03 9.19 29.17
N HIS A 267 -24.85 8.76 29.61
CA HIS A 267 -24.29 9.20 30.87
C HIS A 267 -23.34 10.39 30.74
N GLY A 268 -23.28 11.04 29.60
CA GLY A 268 -22.42 12.21 29.50
C GLY A 268 -20.96 11.90 29.71
N LYS A 269 -20.51 10.76 29.20
CA LYS A 269 -19.14 10.28 29.33
C LYS A 269 -18.50 10.25 27.96
N PHE A 270 -17.18 10.42 27.92
CA PHE A 270 -16.45 10.38 26.66
C PHE A 270 -15.72 9.06 26.49
N ILE A 271 -15.39 8.74 25.23
CA ILE A 271 -14.50 7.64 24.88
C ILE A 271 -13.35 8.21 24.06
N ASP A 272 -12.20 7.52 24.11
CA ASP A 272 -10.98 7.93 23.43
C ASP A 272 -10.77 7.25 22.08
N THR A 273 -11.75 6.54 21.57
CA THR A 273 -11.65 6.00 20.22
C THR A 273 -13.03 6.07 19.59
N GLY A 274 -13.09 6.46 18.32
CA GLY A 274 -14.36 6.71 17.67
C GLY A 274 -14.38 6.14 16.26
N PHE A 275 -15.59 6.11 15.70
CA PHE A 275 -15.76 5.69 14.32
C PHE A 275 -15.58 6.89 13.40
N SER A 276 -15.63 6.64 12.09
CA SER A 276 -15.45 7.66 11.07
C SER A 276 -16.79 8.38 10.80
N LEU A 277 -16.68 9.60 10.25
CA LEU A 277 -17.86 10.41 9.94
C LEU A 277 -18.88 9.66 9.07
N PRO A 278 -18.50 8.97 8.00
CA PRO A 278 -19.53 8.28 7.20
C PRO A 278 -20.20 7.17 7.99
N PHE A 279 -19.47 6.52 8.87
CA PHE A 279 -20.09 5.54 9.75
C PHE A 279 -21.15 6.20 10.65
N TYR A 280 -20.83 7.34 11.28
CA TYR A 280 -21.87 7.98 12.10
C TYR A 280 -23.04 8.45 11.26
N LYS A 281 -22.82 8.66 9.96
CA LYS A 281 -23.90 9.11 9.10
C LYS A 281 -24.96 8.03 8.91
N ARG A 282 -24.53 6.77 8.72
CA ARG A 282 -25.47 5.66 8.67
C ARG A 282 -26.12 5.47 10.03
N MET A 283 -25.40 5.81 11.09
CA MET A 283 -25.95 5.68 12.42
C MET A 283 -27.03 6.72 12.66
N LEU A 284 -26.95 7.87 11.99
CA LEU A 284 -28.06 8.82 11.96
C LEU A 284 -28.94 8.63 10.72
N SER A 285 -28.70 7.57 9.94
CA SER A 285 -29.49 7.24 8.75
C SER A 285 -29.58 8.43 7.81
N LYS A 286 -28.47 9.12 7.62
CA LYS A 286 -28.39 10.14 6.59
C LYS A 286 -28.03 9.50 5.25
N LYS A 287 -28.57 10.04 4.17
CA LYS A 287 -28.23 9.54 2.85
C LYS A 287 -26.76 9.76 2.60
N LEU A 288 -26.05 8.67 2.32
CA LEU A 288 -24.63 8.73 2.03
C LEU A 288 -24.42 9.16 0.57
N THR A 289 -23.49 10.09 0.37
CA THR A 289 -23.21 10.62 -0.96
C THR A 289 -21.91 10.03 -1.48
N ILE A 290 -21.67 10.23 -2.77
CA ILE A 290 -20.45 9.68 -3.38
C ILE A 290 -19.23 10.41 -2.85
N LYS A 291 -19.38 11.68 -2.45
CA LYS A 291 -18.27 12.37 -1.81
C LYS A 291 -17.91 11.71 -0.49
N ASP A 292 -18.87 11.06 0.17
CA ASP A 292 -18.54 10.29 1.36
C ASP A 292 -17.64 9.10 1.02
N LEU A 293 -17.85 8.45 -0.13
CA LEU A 293 -17.04 7.29 -0.49
C LEU A 293 -15.59 7.69 -0.66
N GLU A 294 -15.34 8.87 -1.25
CA GLU A 294 -14.01 9.43 -1.33
C GLU A 294 -13.27 9.30 0.01
N SER A 295 -13.96 9.60 1.13
CA SER A 295 -13.43 9.45 2.50
C SER A 295 -13.13 8.02 2.92
N ILE A 296 -13.65 7.00 2.25
CA ILE A 296 -13.47 5.62 2.68
C ILE A 296 -12.70 4.76 1.68
N ASP A 297 -12.69 5.10 0.39
CA ASP A 297 -12.00 4.29 -0.62
C ASP A 297 -11.80 5.16 -1.86
N THR A 298 -10.68 5.87 -1.91
CA THR A 298 -10.49 6.85 -2.98
C THR A 298 -10.34 6.17 -4.34
N GLU A 299 -9.73 4.98 -4.38
CA GLU A 299 -9.60 4.26 -5.65
C GLU A 299 -10.96 3.84 -6.18
N PHE A 300 -11.81 3.30 -5.31
CA PHE A 300 -13.17 2.94 -5.69
C PHE A 300 -13.94 4.18 -6.14
N TYR A 301 -13.68 5.30 -5.47
CA TYR A 301 -14.34 6.56 -5.79
C TYR A 301 -13.89 7.10 -7.14
N ASN A 302 -12.59 7.06 -7.42
CA ASN A 302 -12.09 7.51 -8.70
C ASN A 302 -12.70 6.74 -9.85
N SER A 303 -12.84 5.43 -9.66
CA SER A 303 -13.40 4.58 -10.69
C SER A 303 -14.91 4.80 -10.86
N LEU A 304 -15.62 5.10 -9.76
CA LEU A 304 -17.02 5.47 -9.94
C LEU A 304 -17.14 6.76 -10.74
N ILE A 305 -16.33 7.76 -10.42
CA ILE A 305 -16.39 9.04 -11.12
C ILE A 305 -15.90 8.90 -12.55
N TRP A 306 -14.94 7.99 -12.78
CA TRP A 306 -14.49 7.72 -14.13
C TRP A 306 -15.63 7.15 -14.99
N ILE A 307 -16.35 6.17 -14.45
CA ILE A 307 -17.47 5.59 -15.19
C ILE A 307 -18.50 6.64 -15.53
N ARG A 308 -18.86 7.47 -14.55
CA ARG A 308 -19.88 8.48 -14.75
C ARG A 308 -19.51 9.43 -15.87
N ASP A 309 -18.22 9.69 -16.05
CA ASP A 309 -17.79 10.82 -16.86
C ASP A 309 -17.45 10.44 -18.29
N ASN A 310 -17.15 9.18 -18.54
CA ASN A 310 -16.66 8.70 -19.81
C ASN A 310 -17.62 7.69 -20.40
N ASN A 311 -17.52 7.51 -21.71
CA ASN A 311 -18.33 6.53 -22.43
C ASN A 311 -17.84 5.13 -22.14
N ILE A 312 -18.73 4.27 -21.64
CA ILE A 312 -18.34 2.88 -21.36
C ILE A 312 -18.58 1.96 -22.56
N GLU A 313 -19.57 2.25 -23.39
CA GLU A 313 -19.85 1.42 -24.55
C GLU A 313 -18.97 1.77 -25.73
N GLU A 314 -18.04 2.70 -25.55
CA GLU A 314 -16.99 2.96 -26.53
C GLU A 314 -15.61 2.63 -25.98
N CYS A 315 -15.46 2.53 -24.66
CA CYS A 315 -14.25 1.95 -24.10
C CYS A 315 -14.17 0.45 -24.32
N GLY A 316 -15.27 -0.19 -24.71
CA GLY A 316 -15.29 -1.63 -24.76
C GLY A 316 -15.34 -2.30 -23.40
N LEU A 317 -15.53 -1.53 -22.34
CA LEU A 317 -15.65 -2.10 -21.01
C LEU A 317 -16.97 -2.86 -20.88
N GLU A 318 -16.98 -3.81 -19.96
CA GLU A 318 -18.12 -4.68 -19.72
C GLU A 318 -18.19 -4.96 -18.22
N MET A 319 -19.20 -4.39 -17.56
CA MET A 319 -19.43 -4.61 -16.14
C MET A 319 -20.89 -5.00 -15.93
N TYR A 320 -21.16 -5.63 -14.80
CA TYR A 320 -22.49 -6.14 -14.53
C TYR A 320 -22.92 -5.72 -13.14
N PHE A 321 -24.24 -5.67 -12.94
CA PHE A 321 -24.75 -5.22 -11.65
C PHE A 321 -24.50 -6.31 -10.62
N SER A 322 -23.24 -6.63 -10.39
CA SER A 322 -22.90 -7.56 -9.33
C SER A 322 -21.50 -7.23 -8.85
N VAL A 323 -21.26 -7.41 -7.55
CA VAL A 323 -19.95 -7.10 -6.98
C VAL A 323 -19.55 -8.21 -6.01
N ASP A 324 -18.24 -8.38 -5.85
CA ASP A 324 -17.64 -9.52 -5.17
C ASP A 324 -16.59 -9.03 -4.18
N MET A 325 -16.41 -9.81 -3.12
CA MET A 325 -15.49 -9.43 -2.05
C MET A 325 -14.81 -10.69 -1.54
N GLU A 326 -13.63 -10.51 -0.98
CA GLU A 326 -12.75 -11.62 -0.66
C GLU A 326 -12.37 -11.47 0.82
N ILE A 327 -12.87 -12.38 1.66
CA ILE A 327 -12.63 -12.29 3.10
C ILE A 327 -11.99 -13.59 3.56
N LEU A 328 -10.76 -13.49 4.06
CA LEU A 328 -9.93 -14.63 4.44
C LEU A 328 -9.94 -15.68 3.33
N GLY A 329 -9.71 -15.22 2.11
CA GLY A 329 -9.72 -16.07 0.93
C GLY A 329 -11.09 -16.34 0.29
N LYS A 330 -12.12 -16.49 1.12
CA LYS A 330 -13.45 -16.82 0.61
C LYS A 330 -14.05 -15.66 -0.15
N VAL A 331 -14.34 -15.88 -1.44
CA VAL A 331 -14.97 -14.86 -2.29
C VAL A 331 -16.47 -15.04 -2.22
N THR A 332 -17.21 -13.93 -2.15
CA THR A 332 -18.67 -13.95 -2.16
C THR A 332 -19.21 -12.87 -3.11
N SER A 333 -20.16 -13.27 -3.97
CA SER A 333 -20.68 -12.43 -5.03
C SER A 333 -22.08 -11.95 -4.68
N HIS A 334 -22.22 -10.65 -4.45
CA HIS A 334 -23.50 -10.00 -4.13
C HIS A 334 -24.08 -9.31 -5.36
N ASP A 335 -25.40 -9.47 -5.56
CA ASP A 335 -26.11 -8.87 -6.67
C ASP A 335 -26.75 -7.55 -6.27
N LEU A 336 -26.52 -6.51 -7.09
CA LEU A 336 -26.99 -5.17 -6.76
C LEU A 336 -28.44 -4.94 -7.12
N LYS A 337 -28.98 -5.69 -8.07
CA LYS A 337 -30.41 -5.78 -8.25
C LYS A 337 -30.70 -7.19 -8.75
N LEU A 338 -31.98 -7.54 -8.79
CA LEU A 338 -32.36 -8.88 -9.23
C LEU A 338 -31.81 -9.15 -10.62
N GLY A 339 -31.23 -10.34 -10.80
CA GLY A 339 -30.58 -10.73 -12.04
C GLY A 339 -29.33 -9.96 -12.39
N GLY A 340 -28.84 -9.12 -11.46
CA GLY A 340 -27.83 -8.14 -11.83
C GLY A 340 -26.56 -8.75 -12.41
N SER A 341 -26.22 -9.98 -12.01
CA SER A 341 -24.99 -10.60 -12.50
C SER A 341 -25.04 -10.81 -14.00
N ASN A 342 -26.23 -10.98 -14.58
CA ASN A 342 -26.35 -11.10 -16.03
C ASN A 342 -26.59 -9.77 -16.73
N ILE A 343 -26.75 -8.67 -15.99
CA ILE A 343 -27.19 -7.39 -16.54
C ILE A 343 -25.96 -6.57 -16.86
N LEU A 344 -25.93 -6.00 -18.06
CA LEU A 344 -24.78 -5.24 -18.52
C LEU A 344 -24.92 -3.76 -18.15
N VAL A 345 -23.89 -3.21 -17.53
CA VAL A 345 -23.80 -1.77 -17.36
C VAL A 345 -23.60 -1.14 -18.73
N THR A 346 -24.55 -0.32 -19.16
CA THR A 346 -24.51 0.32 -20.46
C THR A 346 -24.45 1.83 -20.28
N GLU A 347 -24.32 2.52 -21.41
CA GLU A 347 -24.42 3.97 -21.34
C GLU A 347 -25.76 4.38 -20.75
N GLU A 348 -26.80 3.58 -20.96
CA GLU A 348 -28.12 3.99 -20.50
C GLU A 348 -28.31 3.80 -19.00
N ASN A 349 -27.80 2.71 -18.39
CA ASN A 349 -28.08 2.45 -16.98
C ASN A 349 -26.91 2.70 -16.04
N LYS A 350 -25.86 3.41 -16.47
CA LYS A 350 -24.69 3.51 -15.59
C LYS A 350 -24.90 4.44 -14.40
N ASP A 351 -25.94 5.28 -14.43
CA ASP A 351 -26.22 6.13 -13.28
C ASP A 351 -26.73 5.31 -12.10
N GLU A 352 -27.65 4.38 -12.37
CA GLU A 352 -28.13 3.45 -11.34
C GLU A 352 -26.98 2.64 -10.76
N TYR A 353 -26.17 2.03 -11.63
CA TYR A 353 -25.03 1.25 -11.20
C TYR A 353 -24.15 2.02 -10.22
N ILE A 354 -23.83 3.27 -10.57
CA ILE A 354 -23.02 4.10 -9.68
C ILE A 354 -23.72 4.27 -8.33
N GLY A 355 -25.03 4.49 -8.34
CA GLY A 355 -25.78 4.62 -7.11
C GLY A 355 -25.69 3.38 -6.23
N LEU A 356 -26.09 2.22 -6.75
CA LEU A 356 -26.07 1.00 -5.93
C LEU A 356 -24.65 0.64 -5.49
N MET A 357 -23.64 1.00 -6.29
CA MET A 357 -22.26 0.67 -5.93
C MET A 357 -21.78 1.54 -4.78
N THR A 358 -22.12 2.83 -4.79
CA THR A 358 -21.80 3.71 -3.66
C THR A 358 -22.39 3.14 -2.37
N GLU A 359 -23.70 2.89 -2.37
CA GLU A 359 -24.36 2.32 -1.19
C GLU A 359 -23.69 1.04 -0.74
N TRP A 360 -23.30 0.18 -1.69
CA TRP A 360 -22.75 -1.11 -1.30
C TRP A 360 -21.37 -0.97 -0.70
N ARG A 361 -20.58 -0.02 -1.18
CA ARG A 361 -19.21 0.13 -0.68
C ARG A 361 -19.15 0.58 0.78
N PHE A 362 -20.19 1.23 1.29
CA PHE A 362 -20.05 1.84 2.62
C PHE A 362 -20.03 0.79 3.72
N SER A 363 -20.68 -0.35 3.50
CA SER A 363 -20.73 -1.40 4.50
C SER A 363 -20.22 -2.72 3.95
N ARG A 364 -19.24 -2.67 3.05
CA ARG A 364 -18.77 -3.89 2.41
C ARG A 364 -18.09 -4.81 3.43
N GLY A 365 -18.45 -6.08 3.40
CA GLY A 365 -17.92 -7.03 4.33
C GLY A 365 -18.27 -6.79 5.79
N VAL A 366 -19.09 -5.80 6.10
CA VAL A 366 -19.34 -5.44 7.50
C VAL A 366 -20.82 -5.20 7.74
N GLN A 367 -21.67 -5.69 6.85
CA GLN A 367 -23.12 -5.51 7.06
C GLN A 367 -23.58 -6.11 8.38
N GLU A 368 -23.23 -7.36 8.65
CA GLU A 368 -23.73 -7.97 9.89
C GLU A 368 -23.20 -7.23 11.12
N GLN A 369 -21.88 -7.01 11.19
CA GLN A 369 -21.31 -6.34 12.36
C GLN A 369 -21.97 -4.98 12.58
N THR A 370 -22.30 -4.27 11.51
CA THR A 370 -22.90 -2.95 11.68
C THR A 370 -24.31 -3.06 12.24
N LYS A 371 -25.08 -4.07 11.83
CA LYS A 371 -26.42 -4.22 12.42
C LYS A 371 -26.33 -4.63 13.89
N ALA A 372 -25.33 -5.45 14.26
CA ALA A 372 -25.22 -5.85 15.66
C ALA A 372 -24.81 -4.66 16.54
N PHE A 373 -24.02 -3.72 15.98
CA PHE A 373 -23.66 -2.51 16.72
C PHE A 373 -24.87 -1.59 16.88
N LEU A 374 -25.57 -1.32 15.77
CA LEU A 374 -26.67 -0.37 15.80
C LEU A 374 -27.77 -0.82 16.75
N ASP A 375 -28.14 -2.11 16.69
CA ASP A 375 -29.19 -2.62 17.55
C ASP A 375 -28.80 -2.57 19.03
N GLY A 376 -27.53 -2.86 19.32
CA GLY A 376 -27.06 -2.74 20.70
C GLY A 376 -27.14 -1.30 21.19
N PHE A 377 -26.74 -0.36 20.35
CA PHE A 377 -26.91 1.05 20.67
C PHE A 377 -28.37 1.39 20.95
N ASN A 378 -29.23 1.09 19.97
CA ASN A 378 -30.63 1.47 20.00
C ASN A 378 -31.35 0.96 21.27
N GLU A 379 -30.88 -0.13 21.87
CA GLU A 379 -31.54 -0.65 23.07
C GLU A 379 -31.32 0.26 24.28
N VAL A 380 -30.23 1.02 24.27
CA VAL A 380 -29.89 1.89 25.40
C VAL A 380 -30.40 3.28 25.09
N VAL A 381 -29.92 3.85 23.99
CA VAL A 381 -30.29 5.20 23.55
C VAL A 381 -30.99 5.05 22.21
N PRO A 382 -32.31 5.21 22.14
CA PRO A 382 -32.98 5.10 20.85
C PRO A 382 -32.31 6.01 19.83
N LEU A 383 -32.07 5.47 18.64
CA LEU A 383 -31.42 6.24 17.59
C LEU A 383 -32.18 7.54 17.29
N GLN A 384 -33.50 7.54 17.49
CA GLN A 384 -34.31 8.72 17.14
C GLN A 384 -33.90 9.96 17.93
N TRP A 385 -33.50 9.80 19.20
CA TRP A 385 -33.08 10.94 20.01
C TRP A 385 -31.94 11.70 19.38
N LEU A 386 -31.29 11.14 18.38
CA LEU A 386 -30.14 11.76 17.75
C LEU A 386 -30.48 12.36 16.41
N GLN A 387 -31.73 12.31 15.98
CA GLN A 387 -32.08 12.61 14.60
C GLN A 387 -31.62 14.01 14.18
N TYR A 388 -31.58 14.96 15.10
CA TYR A 388 -31.24 16.34 14.78
C TYR A 388 -29.74 16.64 14.84
N PHE A 389 -28.92 15.74 15.37
CA PHE A 389 -27.48 15.95 15.28
C PHE A 389 -27.00 15.58 13.88
N ASP A 390 -25.89 16.19 13.45
CA ASP A 390 -25.21 15.70 12.26
C ASP A 390 -23.97 14.91 12.66
N GLU A 391 -23.31 14.31 11.69
CA GLU A 391 -22.29 13.33 12.01
C GLU A 391 -21.08 13.98 12.68
N LYS A 392 -20.84 15.27 12.41
CA LYS A 392 -19.72 15.96 13.06
C LYS A 392 -20.04 16.30 14.50
N GLU A 393 -21.30 16.67 14.76
CA GLU A 393 -21.74 16.89 16.12
C GLU A 393 -21.74 15.56 16.89
N LEU A 394 -22.26 14.50 16.28
CA LEU A 394 -22.21 13.19 16.92
C LEU A 394 -20.78 12.78 17.25
N GLU A 395 -19.82 13.07 16.37
CA GLU A 395 -18.44 12.67 16.63
C GLU A 395 -17.88 13.41 17.83
N VAL A 396 -18.14 14.72 17.93
CA VAL A 396 -17.64 15.51 19.04
C VAL A 396 -18.33 15.11 20.35
N MET A 397 -19.62 14.80 20.29
CA MET A 397 -20.33 14.38 21.48
C MET A 397 -19.70 13.17 22.16
N LEU A 398 -18.95 12.33 21.44
CA LEU A 398 -18.42 11.10 22.00
C LEU A 398 -16.99 11.21 22.52
N CYS A 399 -16.17 12.10 21.99
CA CYS A 399 -14.78 12.18 22.41
C CYS A 399 -14.40 13.50 23.04
N GLY A 400 -15.28 14.51 23.00
CA GLY A 400 -15.04 15.79 23.65
C GLY A 400 -14.35 16.83 22.77
N MET A 401 -14.42 18.07 23.23
CA MET A 401 -13.70 19.15 22.58
C MET A 401 -12.33 19.32 23.24
N GLN A 402 -11.39 19.87 22.48
CA GLN A 402 -10.13 20.34 23.03
C GLN A 402 -9.81 21.68 22.36
N GLU A 403 -8.98 22.50 23.02
CA GLU A 403 -8.48 23.68 22.34
C GLU A 403 -7.59 23.27 21.17
N VAL A 404 -7.72 24.01 20.07
CA VAL A 404 -6.92 23.78 18.89
C VAL A 404 -5.81 24.80 18.83
N ASP A 405 -4.60 24.33 18.92
CA ASP A 405 -3.45 25.19 18.90
C ASP A 405 -3.14 25.67 17.53
N LEU A 406 -3.29 26.96 17.31
CA LEU A 406 -3.03 27.52 16.02
C LEU A 406 -1.60 27.52 15.55
N ALA A 407 -0.65 27.68 16.43
CA ALA A 407 0.74 27.72 16.03
C ALA A 407 1.32 26.46 15.52
N ASP A 408 0.87 25.34 16.02
CA ASP A 408 1.36 24.05 15.62
C ASP A 408 0.74 23.69 14.28
N TRP A 409 -0.49 24.06 14.13
CA TRP A 409 -1.19 23.82 12.92
C TRP A 409 -0.58 24.60 11.77
N GLN A 410 -0.25 25.86 11.97
CA GLN A 410 0.24 26.70 10.88
C GLN A 410 1.63 26.28 10.41
N ARG A 411 2.50 25.82 11.30
CA ARG A 411 3.87 25.55 10.86
C ARG A 411 4.05 24.13 10.36
N ASN A 412 3.01 23.30 10.48
CA ASN A 412 2.97 21.96 9.87
C ASN A 412 1.89 21.83 8.80
N THR A 413 1.55 22.95 8.18
CA THR A 413 0.68 22.99 7.02
C THR A 413 1.54 23.13 5.77
N VAL A 414 1.07 22.55 4.66
CA VAL A 414 1.80 22.49 3.40
C VAL A 414 0.87 22.94 2.26
N TYR A 415 1.45 23.57 1.21
CA TYR A 415 0.65 24.25 0.19
C TYR A 415 0.92 23.75 -1.22
N ARG A 416 -0.13 23.57 -1.99
CA ARG A 416 0.01 23.32 -3.42
C ARG A 416 -0.50 24.56 -4.16
N HIS A 417 0.37 25.15 -4.96
CA HIS A 417 0.07 26.36 -5.74
C HIS A 417 -0.34 27.55 -4.87
N TYR A 418 -0.08 27.49 -3.57
CA TYR A 418 -0.16 28.62 -2.67
C TYR A 418 1.19 28.70 -1.97
N THR A 419 1.43 29.78 -1.25
CA THR A 419 2.63 29.92 -0.42
C THR A 419 2.20 30.51 0.92
N ARG A 420 3.08 30.42 1.94
CA ARG A 420 3.04 31.34 3.08
C ARG A 420 2.46 32.69 2.69
N ASN A 421 2.91 33.23 1.56
CA ASN A 421 2.70 34.63 1.18
C ASN A 421 1.53 34.85 0.23
N SER A 422 0.82 33.82 -0.19
CA SER A 422 -0.38 34.07 -0.97
C SER A 422 -1.41 34.74 -0.07
N LYS A 423 -2.14 35.72 -0.60
CA LYS A 423 -3.06 36.48 0.24
C LYS A 423 -4.20 35.61 0.77
N GLN A 424 -4.60 34.54 0.06
CA GLN A 424 -5.63 33.64 0.56
C GLN A 424 -5.12 32.76 1.71
N ILE A 425 -3.83 32.42 1.71
CA ILE A 425 -3.26 31.73 2.86
C ILE A 425 -3.26 32.66 4.07
N ILE A 426 -2.84 33.92 3.88
CA ILE A 426 -2.89 34.89 4.97
C ILE A 426 -4.31 35.00 5.51
N TRP A 427 -5.29 35.04 4.62
CA TRP A 427 -6.66 35.22 5.07
C TRP A 427 -7.14 33.99 5.82
N PHE A 428 -6.68 32.81 5.41
CA PHE A 428 -7.10 31.57 6.04
C PHE A 428 -6.63 31.53 7.49
N TRP A 429 -5.35 31.84 7.74
CA TRP A 429 -4.87 31.84 9.12
C TRP A 429 -5.46 32.97 9.93
N GLN A 430 -5.90 34.04 9.29
CA GLN A 430 -6.59 35.10 10.02
C GLN A 430 -8.01 34.66 10.38
N PHE A 431 -8.67 33.94 9.45
CA PHE A 431 -9.96 33.34 9.75
C PHE A 431 -9.85 32.40 10.93
N VAL A 432 -8.83 31.56 10.95
CA VAL A 432 -8.69 30.57 12.00
C VAL A 432 -8.32 31.23 13.32
N LYS A 433 -7.44 32.24 13.28
CA LYS A 433 -7.04 32.84 14.54
C LYS A 433 -8.19 33.60 15.19
N GLU A 434 -9.24 33.90 14.43
CA GLU A 434 -10.29 34.76 14.94
C GLU A 434 -11.62 34.05 15.18
N THR A 435 -11.80 32.85 14.66
CA THR A 435 -13.00 32.10 14.99
C THR A 435 -12.84 31.36 16.33
N ASP A 436 -13.96 31.09 16.98
CA ASP A 436 -13.97 30.26 18.19
C ASP A 436 -13.37 28.87 17.92
N ASN A 437 -13.15 28.14 19.01
CA ASN A 437 -12.56 26.81 18.91
C ASN A 437 -13.53 25.82 18.27
N GLU A 438 -14.82 25.94 18.57
CA GLU A 438 -15.85 25.09 17.99
C GLU A 438 -15.86 25.18 16.46
N VAL A 439 -15.55 26.37 15.91
CA VAL A 439 -15.44 26.54 14.47
C VAL A 439 -14.14 25.94 13.97
N ARG A 440 -13.05 26.05 14.74
CA ARG A 440 -11.78 25.44 14.31
C ARG A 440 -11.90 23.92 14.28
N MET A 441 -12.60 23.34 15.23
CA MET A 441 -12.74 21.89 15.18
C MET A 441 -13.57 21.48 13.97
N ARG A 442 -14.61 22.24 13.70
CA ARG A 442 -15.47 21.89 12.58
C ARG A 442 -14.76 22.05 11.23
N LEU A 443 -13.78 22.95 11.14
CA LEU A 443 -12.97 23.01 9.93
C LEU A 443 -12.02 21.83 9.89
N LEU A 444 -11.54 21.41 11.06
CA LEU A 444 -10.70 20.22 11.17
C LEU A 444 -11.41 18.99 10.65
N GLN A 445 -12.73 18.91 10.84
CA GLN A 445 -13.46 17.73 10.42
C GLN A 445 -13.76 17.79 8.93
N PHE A 446 -14.00 19.00 8.44
CA PHE A 446 -14.21 19.23 7.03
C PHE A 446 -13.02 18.73 6.24
N VAL A 447 -11.81 19.03 6.71
CA VAL A 447 -10.58 18.82 5.96
C VAL A 447 -9.95 17.47 6.27
N THR A 448 -9.86 17.09 7.55
CA THR A 448 -9.24 15.82 7.89
C THR A 448 -10.22 14.69 8.13
N GLY A 449 -11.50 14.99 8.39
CA GLY A 449 -12.48 13.97 8.67
C GLY A 449 -12.56 13.58 10.14
N THR A 450 -11.77 14.19 11.00
CA THR A 450 -11.87 13.94 12.43
C THR A 450 -11.63 15.25 13.17
N CYS A 451 -12.21 15.34 14.36
CA CYS A 451 -11.83 16.37 15.31
C CYS A 451 -10.56 16.01 16.08
N ARG A 452 -10.25 14.71 16.18
CA ARG A 452 -9.11 14.23 16.95
C ARG A 452 -7.78 14.65 16.32
N LEU A 453 -6.80 14.89 17.18
CA LEU A 453 -5.43 15.24 16.83
C LEU A 453 -4.49 14.13 17.28
N PRO A 454 -3.54 13.71 16.46
CA PRO A 454 -2.62 12.65 16.87
C PRO A 454 -1.74 13.12 18.02
N LEU A 455 -1.24 12.17 18.79
CA LEU A 455 -0.51 12.54 20.01
C LEU A 455 0.57 13.57 19.71
N GLY A 456 1.29 13.38 18.61
CA GLY A 456 2.40 14.26 18.31
C GLY A 456 1.99 15.56 17.63
N GLY A 457 0.71 15.92 17.70
CA GLY A 457 0.29 17.14 17.07
C GLY A 457 0.33 17.05 15.56
N PHE A 458 0.34 18.24 14.92
CA PHE A 458 0.11 18.33 13.47
C PHE A 458 1.29 17.87 12.64
N ALA A 459 2.50 17.86 13.17
CA ALA A 459 3.61 17.27 12.42
C ALA A 459 3.37 15.79 12.10
N GLU A 460 2.58 15.09 12.92
CA GLU A 460 2.35 13.66 12.77
C GLU A 460 1.02 13.34 12.09
N LEU A 461 0.36 14.33 11.50
CA LEU A 461 -0.90 14.09 10.82
C LEU A 461 -0.78 12.95 9.80
N MET A 462 -1.83 12.14 9.71
CA MET A 462 -1.80 10.94 8.88
C MET A 462 -2.97 10.95 7.91
N GLY A 463 -2.73 10.45 6.69
CA GLY A 463 -3.76 10.23 5.72
C GLY A 463 -4.14 8.77 5.68
N SER A 464 -5.08 8.44 4.81
CA SER A 464 -5.41 7.03 4.61
C SER A 464 -4.19 6.24 4.14
N ASN A 465 -3.26 6.90 3.46
CA ASN A 465 -2.10 6.27 2.86
C ASN A 465 -0.82 6.90 3.43
N GLY A 466 -0.51 6.57 4.67
CA GLY A 466 0.69 7.06 5.30
C GLY A 466 0.65 8.52 5.67
N PRO A 467 1.81 9.05 6.06
CA PRO A 467 1.88 10.42 6.59
C PRO A 467 1.40 11.46 5.59
N GLN A 468 0.70 12.47 6.11
CA GLN A 468 0.12 13.52 5.26
C GLN A 468 -0.22 14.72 6.13
N LYS A 469 0.52 15.79 5.95
CA LYS A 469 0.27 17.03 6.63
C LYS A 469 -0.95 17.73 6.06
N PHE A 470 -1.59 18.52 6.92
CA PHE A 470 -2.70 19.37 6.52
C PHE A 470 -2.28 20.17 5.30
N CYS A 471 -3.09 20.13 4.25
CA CYS A 471 -2.64 20.66 2.97
C CYS A 471 -3.68 21.57 2.36
N ILE A 472 -3.24 22.71 1.81
CA ILE A 472 -4.13 23.68 1.19
C ILE A 472 -3.67 23.91 -0.23
N GLU A 473 -4.58 23.76 -1.18
CA GLU A 473 -4.25 23.80 -2.60
C GLU A 473 -5.17 24.79 -3.30
N LYS A 474 -4.61 25.47 -4.30
CA LYS A 474 -5.36 26.42 -5.12
C LYS A 474 -5.97 25.69 -6.31
N VAL A 475 -7.28 25.81 -6.47
CA VAL A 475 -7.97 25.20 -7.61
C VAL A 475 -9.07 26.15 -8.04
N GLY A 476 -9.42 26.08 -9.32
CA GLY A 476 -10.59 26.79 -9.78
C GLY A 476 -10.46 28.29 -9.67
N LYS A 477 -11.61 28.94 -9.49
CA LYS A 477 -11.78 30.39 -9.58
C LYS A 477 -12.56 30.92 -8.36
N ASP A 478 -12.78 32.24 -8.32
CA ASP A 478 -13.37 32.91 -7.16
C ASP A 478 -14.81 32.49 -6.88
N THR A 479 -15.51 31.91 -7.84
CA THR A 479 -16.92 31.59 -7.68
C THR A 479 -17.17 30.21 -7.08
N TRP A 480 -16.13 29.39 -6.94
CA TRP A 480 -16.29 28.02 -6.47
C TRP A 480 -16.39 27.97 -4.96
N LEU A 481 -17.05 26.96 -4.46
CA LEU A 481 -17.02 26.77 -3.02
C LEU A 481 -15.81 25.95 -2.62
N PRO A 482 -15.38 26.03 -1.36
CA PRO A 482 -14.26 25.20 -0.90
C PRO A 482 -14.66 23.74 -0.84
N ARG A 483 -13.74 22.87 -1.24
CA ARG A 483 -13.96 21.43 -1.23
C ARG A 483 -12.83 20.78 -0.45
N SER A 484 -13.09 19.57 0.05
CA SER A 484 -12.13 18.86 0.88
C SER A 484 -11.84 17.48 0.28
N HIS A 485 -10.65 16.97 0.54
CA HIS A 485 -10.33 15.56 0.35
C HIS A 485 -9.86 15.04 1.71
N THR A 486 -10.75 14.45 2.47
CA THR A 486 -10.34 14.10 3.83
C THR A 486 -9.29 12.99 3.83
N CYS A 487 -9.25 12.18 2.78
CA CYS A 487 -8.26 11.12 2.69
C CYS A 487 -6.84 11.65 2.61
N PHE A 488 -6.67 12.86 2.09
CA PHE A 488 -5.34 13.44 2.04
C PHE A 488 -5.27 14.73 2.83
N ASN A 489 -6.24 14.94 3.71
CA ASN A 489 -6.30 16.11 4.57
C ASN A 489 -5.96 17.37 3.77
N ARG A 490 -6.64 17.52 2.64
CA ARG A 490 -6.32 18.56 1.71
C ARG A 490 -7.56 19.43 1.57
N LEU A 491 -7.36 20.73 1.78
CA LEU A 491 -8.38 21.75 1.62
C LEU A 491 -8.20 22.40 0.25
N ASP A 492 -9.20 22.24 -0.61
CA ASP A 492 -9.24 22.89 -1.92
C ASP A 492 -9.83 24.30 -1.77
N LEU A 493 -8.95 25.33 -1.74
CA LEU A 493 -9.30 26.71 -1.45
C LEU A 493 -9.28 27.58 -2.71
N PRO A 494 -10.44 28.04 -3.19
CA PRO A 494 -10.45 28.90 -4.36
C PRO A 494 -9.75 30.21 -4.08
N PRO A 495 -9.15 30.84 -5.13
CA PRO A 495 -8.47 32.14 -4.95
C PRO A 495 -9.46 33.28 -4.83
N TYR A 496 -10.03 33.43 -3.64
CA TYR A 496 -11.04 34.43 -3.40
C TYR A 496 -10.42 35.83 -3.42
N LYS A 497 -11.27 36.82 -3.73
CA LYS A 497 -10.79 38.17 -4.02
C LYS A 497 -10.68 39.04 -2.76
N SER A 498 -11.20 38.58 -1.62
CA SER A 498 -11.21 39.40 -0.41
C SER A 498 -11.37 38.50 0.81
N TYR A 499 -10.90 39.00 1.96
CA TYR A 499 -11.06 38.27 3.21
C TYR A 499 -12.51 37.92 3.47
N GLU A 500 -13.40 38.91 3.36
CA GLU A 500 -14.82 38.68 3.64
C GLU A 500 -15.40 37.60 2.73
N GLN A 501 -15.01 37.59 1.46
CA GLN A 501 -15.44 36.50 0.58
C GLN A 501 -14.92 35.16 1.10
N LEU A 502 -13.66 35.11 1.51
CA LEU A 502 -13.10 33.87 2.01
C LEU A 502 -13.83 33.40 3.28
N LYS A 503 -13.97 34.29 4.25
CA LYS A 503 -14.71 33.99 5.46
C LYS A 503 -16.10 33.44 5.15
N GLU A 504 -16.84 34.09 4.25
CA GLU A 504 -18.21 33.65 4.02
C GLU A 504 -18.26 32.30 3.31
N LYS A 505 -17.36 32.04 2.37
CA LYS A 505 -17.38 30.76 1.67
C LYS A 505 -16.91 29.63 2.57
N LEU A 506 -15.79 29.84 3.27
CA LEU A 506 -15.28 28.82 4.19
C LEU A 506 -16.30 28.51 5.29
N LEU A 507 -17.00 29.55 5.77
CA LEU A 507 -18.00 29.34 6.80
C LEU A 507 -19.19 28.55 6.29
N PHE A 508 -19.66 28.87 5.08
CA PHE A 508 -20.77 28.12 4.52
C PHE A 508 -20.41 26.67 4.31
N ALA A 509 -19.15 26.39 4.00
CA ALA A 509 -18.73 25.06 3.59
C ALA A 509 -18.42 24.16 4.77
N ILE A 510 -17.78 24.68 5.82
CA ILE A 510 -17.64 23.83 7.00
C ILE A 510 -18.98 23.59 7.68
N GLU A 511 -19.95 24.47 7.51
CA GLU A 511 -21.23 24.24 8.17
C GLU A 511 -22.17 23.34 7.38
N GLU A 512 -21.86 23.04 6.11
CA GLU A 512 -22.84 22.42 5.22
C GLU A 512 -22.92 20.93 5.48
N THR A 513 -24.14 20.44 5.69
CA THR A 513 -24.41 19.01 5.78
C THR A 513 -25.47 18.62 4.74
N VAL B 14 -11.08 -3.54 -12.46
CA VAL B 14 -11.02 -3.71 -13.90
C VAL B 14 -11.14 -2.35 -14.61
N ARG B 15 -11.74 -1.36 -13.94
CA ARG B 15 -11.90 -0.04 -14.54
C ARG B 15 -10.59 0.74 -14.54
N ASN B 16 -9.76 0.57 -13.51
CA ASN B 16 -8.41 1.11 -13.56
C ASN B 16 -7.68 0.57 -14.78
N PHE B 17 -7.75 -0.74 -15.00
CA PHE B 17 -7.13 -1.37 -16.17
C PHE B 17 -7.64 -0.81 -17.49
N GLU B 18 -8.73 -0.03 -17.49
CA GLU B 18 -9.16 0.69 -18.68
C GLU B 18 -9.02 2.21 -18.53
N GLN B 19 -8.51 2.69 -17.40
CA GLN B 19 -7.94 4.02 -17.32
C GLN B 19 -6.42 4.01 -17.42
N TRP B 20 -5.79 2.87 -17.16
CA TRP B 20 -4.35 2.74 -17.39
C TRP B 20 -4.04 2.72 -18.87
N GLN B 21 -4.80 1.93 -19.65
CA GLN B 21 -4.60 1.84 -21.09
C GLN B 21 -4.63 3.22 -21.72
N SER B 22 -5.62 4.03 -21.35
CA SER B 22 -5.71 5.40 -21.86
C SER B 22 -4.53 6.24 -21.40
N GLN B 23 -4.13 6.07 -20.13
CA GLN B 23 -2.95 6.77 -19.62
C GLN B 23 -1.67 6.36 -20.32
N ARG B 24 -1.69 5.28 -21.11
CA ARG B 24 -0.61 4.92 -22.01
C ARG B 24 -0.67 5.72 -23.33
N ASN B 25 -1.32 6.89 -23.33
CA ASN B 25 -1.17 7.90 -24.37
C ASN B 25 0.09 8.74 -24.17
N GLN B 26 0.67 8.72 -22.95
CA GLN B 26 1.98 9.28 -22.66
C GLN B 26 3.11 8.44 -23.25
N LEU B 27 2.91 7.86 -24.44
CA LEU B 27 3.91 6.96 -25.02
C LEU B 27 5.18 7.71 -25.40
N GLN B 28 5.04 8.93 -25.95
CA GLN B 28 6.22 9.70 -26.33
C GLN B 28 7.15 9.92 -25.15
N GLY B 29 6.59 10.10 -23.95
CA GLY B 29 7.43 10.23 -22.77
C GLY B 29 8.07 8.92 -22.38
N ALA B 30 7.28 7.84 -22.38
CA ALA B 30 7.82 6.51 -22.07
C ALA B 30 8.97 6.12 -23.01
N MET B 31 8.82 6.39 -24.31
CA MET B 31 9.90 6.03 -25.23
C MET B 31 11.14 6.87 -24.99
N GLN B 32 10.96 8.18 -24.79
CA GLN B 32 12.12 9.02 -24.49
C GLN B 32 12.85 8.50 -23.26
N GLN B 33 12.08 8.15 -22.22
CA GLN B 33 12.72 7.56 -21.04
C GLN B 33 13.25 6.17 -21.36
N PHE B 34 12.53 5.41 -22.18
CA PHE B 34 12.97 4.08 -22.55
C PHE B 34 14.35 4.12 -23.21
N ASN B 35 14.53 5.04 -24.15
CA ASN B 35 15.81 5.10 -24.85
C ASN B 35 16.92 5.59 -23.93
N GLN B 36 16.62 6.43 -22.94
CA GLN B 36 17.65 6.79 -21.97
C GLN B 36 18.10 5.58 -21.17
N ARG B 37 17.17 4.71 -20.79
CA ARG B 37 17.56 3.47 -20.13
C ARG B 37 18.53 2.67 -21.00
N TYR B 38 18.34 2.71 -22.32
CA TYR B 38 19.25 1.98 -23.19
C TYR B 38 20.64 2.61 -23.16
N LEU B 39 20.72 3.93 -23.07
CA LEU B 39 22.03 4.57 -23.09
C LEU B 39 22.78 4.34 -21.79
N TYR B 40 22.08 4.52 -20.66
CA TYR B 40 22.68 4.32 -19.34
C TYR B 40 23.03 2.84 -19.12
N SER B 41 22.20 1.94 -19.63
CA SER B 41 22.35 0.52 -19.35
C SER B 41 23.23 -0.17 -20.37
N ALA B 42 24.04 0.59 -21.12
CA ALA B 42 24.81 0.02 -22.23
C ALA B 42 25.78 -1.05 -21.75
N SER B 43 26.39 -0.85 -20.57
CA SER B 43 27.38 -1.80 -20.06
C SER B 43 26.81 -3.21 -19.92
N MET B 44 25.50 -3.33 -19.75
CA MET B 44 24.76 -4.59 -19.66
C MET B 44 24.80 -5.43 -20.95
N LEU B 45 25.55 -5.08 -21.99
CA LEU B 45 25.67 -5.89 -23.19
C LEU B 45 26.96 -6.69 -23.24
N ALA B 46 27.83 -6.57 -22.23
CA ALA B 46 29.14 -7.19 -22.28
C ALA B 46 29.03 -8.70 -22.12
N ALA B 47 29.74 -9.44 -22.97
CA ALA B 47 29.73 -10.90 -22.95
C ALA B 47 31.18 -11.37 -22.78
N GLU B 48 31.57 -11.62 -21.54
CA GLU B 48 32.87 -12.21 -21.26
C GLU B 48 32.66 -13.38 -20.32
N ASN B 49 33.22 -14.53 -20.66
CA ASN B 49 33.20 -15.67 -19.74
C ASN B 49 34.30 -15.60 -18.68
N ASP B 50 35.32 -14.76 -18.89
CA ASP B 50 36.47 -14.56 -18.00
C ASP B 50 36.98 -15.90 -17.44
N PRO B 51 37.29 -16.86 -18.31
CA PRO B 51 37.70 -18.19 -17.84
C PRO B 51 38.81 -18.19 -16.78
N TYR B 52 39.71 -17.21 -16.78
CA TYR B 52 40.83 -17.16 -15.85
C TYR B 52 40.79 -15.92 -14.97
N GLY B 53 39.59 -15.50 -14.61
CA GLY B 53 39.42 -14.32 -13.79
C GLY B 53 39.55 -13.05 -14.59
N PRO B 54 39.45 -11.90 -13.94
CA PRO B 54 39.59 -10.63 -14.66
C PRO B 54 41.07 -10.26 -14.79
N LEU B 55 41.31 -9.13 -15.43
CA LEU B 55 42.67 -8.62 -15.54
C LEU B 55 43.23 -8.42 -14.14
N PRO B 56 44.41 -8.97 -13.83
CA PRO B 56 45.05 -8.68 -12.55
C PRO B 56 45.14 -7.18 -12.34
N PRO B 57 45.12 -6.87 -11.04
CA PRO B 57 45.23 -5.54 -10.49
C PRO B 57 46.35 -4.83 -11.16
N GLY B 58 46.01 -3.70 -11.72
CA GLY B 58 46.95 -2.91 -12.41
C GLY B 58 46.92 -3.11 -13.91
N TRP B 59 46.10 -4.00 -14.47
CA TRP B 59 46.20 -4.08 -15.91
C TRP B 59 44.98 -3.45 -16.57
N GLU B 60 45.17 -2.96 -17.79
CA GLU B 60 44.11 -2.25 -18.50
C GLU B 60 44.04 -2.75 -19.93
N LYS B 61 42.91 -3.36 -20.28
CA LYS B 61 42.61 -3.59 -21.69
C LYS B 61 42.34 -2.25 -22.34
N ARG B 62 42.81 -2.08 -23.58
CA ARG B 62 42.54 -0.86 -24.34
C ARG B 62 42.18 -1.27 -25.77
N VAL B 63 41.96 -0.28 -26.62
CA VAL B 63 41.57 -0.55 -28.00
C VAL B 63 42.19 0.51 -28.91
N ASP B 64 43.09 0.08 -29.79
CA ASP B 64 43.73 0.91 -30.80
C ASP B 64 42.69 1.49 -31.75
N SER B 65 43.14 2.46 -32.56
CA SER B 65 42.27 3.04 -33.58
C SER B 65 41.95 2.06 -34.69
N THR B 66 42.72 1.00 -34.85
CA THR B 66 42.32 -0.08 -35.74
C THR B 66 41.50 -1.15 -35.02
N ASP B 67 40.90 -0.79 -33.87
CA ASP B 67 40.11 -1.68 -33.03
C ASP B 67 40.86 -2.96 -32.64
N ARG B 68 42.17 -2.85 -32.45
CA ARG B 68 42.98 -3.97 -31.95
C ARG B 68 43.18 -3.86 -30.45
N VAL B 69 42.84 -4.93 -29.74
CA VAL B 69 43.04 -5.00 -28.29
C VAL B 69 44.52 -4.92 -27.95
N TYR B 70 44.84 -4.16 -26.90
CA TYR B 70 46.15 -4.24 -26.29
C TYR B 70 46.02 -4.04 -24.79
N PHE B 71 47.09 -4.34 -24.09
CA PHE B 71 47.06 -4.43 -22.64
C PHE B 71 48.20 -3.61 -22.07
N VAL B 72 47.86 -2.59 -21.31
CA VAL B 72 48.83 -1.76 -20.59
C VAL B 72 48.86 -2.21 -19.15
N ASN B 73 50.05 -2.47 -18.62
CA ASN B 73 50.23 -2.82 -17.21
C ASN B 73 50.68 -1.56 -16.48
N HIS B 74 49.71 -0.84 -15.91
CA HIS B 74 49.98 0.43 -15.26
C HIS B 74 50.95 0.29 -14.09
N ASN B 75 51.13 -0.92 -13.56
CA ASN B 75 52.06 -1.12 -12.46
C ASN B 75 53.51 -1.06 -12.94
N THR B 76 53.79 -1.68 -14.08
CA THR B 76 55.15 -1.71 -14.61
C THR B 76 55.40 -0.63 -15.66
N LYS B 77 54.35 0.02 -16.16
CA LYS B 77 54.46 0.97 -17.26
C LYS B 77 55.03 0.31 -18.51
N THR B 78 54.39 -0.81 -18.91
CA THR B 78 54.73 -1.56 -20.12
C THR B 78 53.46 -2.01 -20.80
N THR B 79 53.47 -2.09 -22.13
CA THR B 79 52.27 -2.41 -22.90
C THR B 79 52.48 -3.63 -23.79
N GLN B 80 51.53 -4.57 -23.78
CA GLN B 80 51.64 -5.80 -24.56
C GLN B 80 50.40 -5.98 -25.42
N TRP B 81 50.52 -6.86 -26.40
CA TRP B 81 49.37 -7.26 -27.20
C TRP B 81 48.65 -8.50 -26.67
N GLU B 82 49.33 -9.39 -25.95
CA GLU B 82 48.72 -10.63 -25.47
C GLU B 82 48.10 -10.43 -24.10
N ASP B 83 46.89 -10.98 -23.90
CA ASP B 83 46.23 -11.02 -22.62
C ASP B 83 47.17 -11.62 -21.59
N PRO B 84 47.49 -10.92 -20.50
CA PRO B 84 48.29 -11.55 -19.44
C PRO B 84 47.61 -12.76 -18.87
N ARG B 85 46.28 -12.78 -18.86
CA ARG B 85 45.55 -13.95 -18.37
C ARG B 85 45.89 -15.20 -19.17
N THR B 86 46.22 -15.07 -20.46
CA THR B 86 46.50 -16.25 -21.28
C THR B 86 47.97 -16.63 -21.28
N GLN B 87 48.80 -16.00 -20.45
CA GLN B 87 50.22 -16.29 -20.43
C GLN B 87 50.66 -17.08 -19.21
N GLY B 88 49.73 -17.65 -18.45
CA GLY B 88 50.10 -18.45 -17.30
C GLY B 88 50.62 -19.80 -17.72
N LEU B 89 50.89 -20.63 -16.71
CA LEU B 89 51.10 -22.05 -16.93
C LEU B 89 49.94 -22.57 -17.78
N GLN B 90 50.25 -23.10 -18.96
CA GLN B 90 49.17 -23.42 -19.89
C GLN B 90 48.46 -24.71 -19.55
N ASN B 91 48.68 -25.27 -18.36
CA ASN B 91 47.88 -26.40 -17.87
C ASN B 91 46.93 -26.03 -16.74
N GLU B 92 46.97 -24.79 -16.26
CA GLU B 92 45.94 -24.36 -15.31
C GLU B 92 44.59 -24.38 -16.00
N GLU B 93 43.62 -25.07 -15.40
CA GLU B 93 42.28 -25.26 -15.93
C GLU B 93 41.44 -24.00 -15.74
N PRO B 94 40.33 -23.87 -16.47
CA PRO B 94 39.45 -22.72 -16.26
C PRO B 94 38.71 -22.83 -14.93
N LEU B 95 38.06 -21.72 -14.55
CA LEU B 95 37.25 -21.72 -13.33
C LEU B 95 36.06 -22.64 -13.50
N PRO B 96 35.80 -23.52 -12.53
CA PRO B 96 34.56 -24.32 -12.59
C PRO B 96 33.36 -23.40 -12.61
N GLU B 97 32.24 -23.93 -13.12
CA GLU B 97 31.04 -23.13 -13.27
C GLU B 97 30.69 -22.50 -11.93
N GLY B 98 30.11 -21.30 -11.98
CA GLY B 98 29.68 -20.61 -10.79
C GLY B 98 30.79 -20.07 -9.93
N TRP B 99 32.04 -20.06 -10.42
CA TRP B 99 33.16 -19.54 -9.66
C TRP B 99 33.68 -18.26 -10.29
N GLU B 100 33.95 -17.25 -9.47
CA GLU B 100 34.49 -15.98 -9.92
C GLU B 100 35.72 -15.63 -9.11
N ILE B 101 36.74 -15.16 -9.78
CA ILE B 101 37.92 -14.61 -9.13
C ILE B 101 37.75 -13.10 -8.97
N ARG B 102 38.14 -12.58 -7.80
CA ARG B 102 38.23 -11.15 -7.54
C ARG B 102 39.54 -10.85 -6.81
N TYR B 103 39.88 -9.56 -6.75
CA TYR B 103 41.06 -9.10 -6.04
C TYR B 103 40.63 -8.04 -5.04
N THR B 104 41.16 -8.12 -3.82
CA THR B 104 40.96 -7.06 -2.85
C THR B 104 41.71 -5.80 -3.27
N ARG B 105 41.50 -4.72 -2.50
CA ARG B 105 42.25 -3.50 -2.72
C ARG B 105 43.75 -3.77 -2.60
N GLU B 106 44.14 -4.55 -1.59
CA GLU B 106 45.55 -4.90 -1.40
C GLU B 106 46.10 -5.75 -2.54
N GLY B 107 45.23 -6.35 -3.35
CA GLY B 107 45.66 -7.13 -4.48
C GLY B 107 45.74 -8.62 -4.25
N VAL B 108 45.18 -9.12 -3.17
CA VAL B 108 45.18 -10.55 -2.91
C VAL B 108 43.99 -11.16 -3.64
N ARG B 109 44.23 -12.28 -4.32
CA ARG B 109 43.17 -12.93 -5.08
C ARG B 109 42.26 -13.71 -4.14
N TYR B 110 40.96 -13.74 -4.46
CA TYR B 110 40.03 -14.61 -3.78
C TYR B 110 38.95 -15.05 -4.72
N PHE B 111 38.17 -16.02 -4.26
CA PHE B 111 37.28 -16.76 -5.14
C PHE B 111 35.88 -16.71 -4.57
N VAL B 112 34.91 -16.51 -5.45
CA VAL B 112 33.52 -16.38 -5.07
C VAL B 112 32.76 -17.53 -5.71
N ASP B 113 32.34 -18.48 -4.89
CA ASP B 113 31.50 -19.58 -5.35
C ASP B 113 30.05 -19.10 -5.35
N HIS B 114 29.56 -18.71 -6.51
CA HIS B 114 28.16 -18.34 -6.57
C HIS B 114 27.23 -19.56 -6.48
N ASN B 115 27.76 -20.78 -6.36
CA ASN B 115 26.88 -21.92 -6.19
C ASN B 115 26.49 -22.11 -4.74
N THR B 116 27.35 -21.67 -3.81
CA THR B 116 27.00 -21.68 -2.38
C THR B 116 26.98 -20.29 -1.76
N ARG B 117 27.20 -19.23 -2.55
CA ARG B 117 27.21 -17.86 -2.05
C ARG B 117 28.22 -17.69 -0.92
N THR B 118 29.39 -18.29 -1.10
CA THR B 118 30.50 -18.20 -0.15
C THR B 118 31.70 -17.62 -0.88
N THR B 119 32.74 -17.26 -0.12
CA THR B 119 34.02 -16.85 -0.70
C THR B 119 35.14 -17.48 0.10
N THR B 120 36.21 -17.85 -0.59
CA THR B 120 37.42 -18.35 0.03
C THR B 120 38.62 -17.74 -0.65
N PHE B 121 39.76 -17.86 0.01
CA PHE B 121 41.05 -17.51 -0.58
C PHE B 121 41.76 -18.74 -1.14
N LYS B 122 41.12 -19.91 -1.08
CA LYS B 122 41.65 -21.15 -1.61
C LYS B 122 41.01 -21.45 -2.96
N ASP B 123 41.85 -21.83 -3.93
CA ASP B 123 41.48 -21.98 -5.35
C ASP B 123 40.62 -23.22 -5.56
N PRO B 124 39.36 -23.09 -5.99
CA PRO B 124 38.58 -24.29 -6.33
C PRO B 124 39.36 -25.29 -7.16
N ARG B 125 40.33 -24.83 -7.97
CA ARG B 125 41.15 -25.69 -8.81
C ARG B 125 42.37 -26.25 -8.09
N ASN B 126 42.72 -25.70 -6.92
CA ASN B 126 44.01 -25.94 -6.26
C ASN B 126 45.18 -25.67 -7.20
N ILE B 138 36.86 -11.44 2.15
CA ILE B 138 36.30 -12.54 2.92
C ILE B 138 34.76 -12.55 2.83
N ALA B 139 34.17 -11.38 2.62
CA ALA B 139 32.71 -11.22 2.63
C ALA B 139 32.13 -11.35 1.23
N TYR B 140 30.98 -12.01 1.12
CA TYR B 140 30.40 -12.34 -0.18
C TYR B 140 29.63 -11.15 -0.77
N GLU B 141 29.92 -10.83 -2.04
CA GLU B 141 29.23 -9.78 -2.77
C GLU B 141 28.55 -10.37 -4.00
N ARG B 142 27.33 -9.90 -4.27
CA ARG B 142 26.62 -10.32 -5.47
C ARG B 142 27.46 -10.01 -6.69
N GLY B 143 27.55 -10.97 -7.60
CA GLY B 143 28.37 -10.75 -8.77
C GLY B 143 27.53 -10.41 -9.97
N PHE B 144 26.62 -9.44 -9.79
CA PHE B 144 25.64 -9.16 -10.82
C PHE B 144 26.29 -8.77 -12.14
N ARG B 145 27.32 -7.93 -12.12
CA ARG B 145 28.06 -7.67 -13.35
C ARG B 145 28.58 -8.98 -13.93
N TRP B 146 29.15 -9.82 -13.08
CA TRP B 146 29.70 -11.08 -13.55
C TRP B 146 28.60 -12.04 -13.98
N LYS B 147 27.52 -12.13 -13.22
CA LYS B 147 26.41 -12.99 -13.61
C LYS B 147 25.82 -12.59 -14.96
N LEU B 148 25.61 -11.29 -15.17
CA LEU B 148 25.08 -10.81 -16.43
C LEU B 148 26.00 -11.14 -17.60
N ALA B 149 27.30 -10.88 -17.44
CA ALA B 149 28.23 -11.15 -18.53
C ALA B 149 28.28 -12.64 -18.87
N HIS B 150 28.18 -13.51 -17.86
CA HIS B 150 28.22 -14.95 -18.11
C HIS B 150 26.92 -15.42 -18.73
N PHE B 151 25.84 -14.70 -18.51
CA PHE B 151 24.60 -15.08 -19.18
C PHE B 151 24.62 -14.61 -20.63
N ARG B 152 25.01 -13.35 -20.87
CA ARG B 152 25.11 -12.85 -22.23
C ARG B 152 26.08 -13.69 -23.05
N TYR B 153 27.11 -14.22 -22.42
CA TYR B 153 28.03 -15.12 -23.10
C TYR B 153 27.41 -16.49 -23.31
N LEU B 154 26.61 -16.95 -22.36
CA LEU B 154 25.87 -18.18 -22.58
C LEU B 154 24.98 -18.03 -23.81
N CYS B 155 24.27 -16.90 -23.91
CA CYS B 155 23.44 -16.67 -25.09
C CYS B 155 24.29 -16.40 -26.33
N GLN B 156 25.42 -15.72 -26.15
CA GLN B 156 26.31 -15.43 -27.28
C GLN B 156 26.65 -16.71 -28.05
N SER B 157 27.16 -17.69 -27.34
CA SER B 157 27.57 -19.00 -27.81
C SER B 157 26.42 -19.89 -28.14
N ASN B 158 25.19 -19.39 -28.26
CA ASN B 158 24.06 -20.21 -28.69
C ASN B 158 23.30 -19.56 -29.83
N ALA B 159 23.81 -18.46 -30.38
CA ALA B 159 23.17 -17.83 -31.52
C ALA B 159 23.39 -18.67 -32.77
N LEU B 160 22.29 -18.96 -33.46
CA LEU B 160 22.41 -19.64 -34.74
C LEU B 160 23.00 -18.67 -35.76
N PRO B 161 24.03 -19.06 -36.49
CA PRO B 161 24.48 -18.21 -37.60
C PRO B 161 23.38 -18.16 -38.64
N SER B 162 22.41 -17.27 -38.46
CA SER B 162 21.22 -17.20 -39.32
C SER B 162 20.41 -15.97 -38.93
N HIS B 163 19.30 -15.79 -39.63
CA HIS B 163 18.42 -14.64 -39.47
C HIS B 163 16.96 -15.10 -39.40
N VAL B 164 16.09 -14.17 -39.06
CA VAL B 164 14.66 -14.45 -38.94
C VAL B 164 13.88 -13.18 -39.30
N LYS B 165 12.89 -13.33 -40.18
CA LYS B 165 12.12 -12.21 -40.72
C LYS B 165 10.79 -12.14 -39.98
N ILE B 166 10.63 -11.10 -39.17
CA ILE B 166 9.34 -10.71 -38.60
C ILE B 166 8.83 -9.55 -39.43
N ASN B 167 7.73 -9.73 -40.12
CA ASN B 167 7.18 -8.70 -41.01
C ASN B 167 5.82 -8.31 -40.43
N VAL B 168 5.82 -7.26 -39.61
CA VAL B 168 4.63 -6.82 -38.91
C VAL B 168 4.28 -5.43 -39.40
N SER B 169 2.99 -5.19 -39.60
CA SER B 169 2.50 -3.85 -39.87
C SER B 169 2.06 -3.22 -38.56
N ARG B 170 2.34 -1.92 -38.42
CA ARG B 170 2.22 -1.26 -37.12
C ARG B 170 0.80 -1.29 -36.57
N GLN B 171 -0.22 -1.36 -37.44
CA GLN B 171 -1.57 -1.18 -36.93
C GLN B 171 -2.12 -2.45 -36.28
N THR B 172 -1.55 -3.62 -36.57
CA THR B 172 -1.89 -4.88 -35.93
C THR B 172 -0.66 -5.55 -35.36
N LEU B 173 0.22 -4.76 -34.71
CA LEU B 173 1.52 -5.27 -34.28
C LEU B 173 1.38 -6.53 -33.44
N PHE B 174 0.38 -6.58 -32.57
CA PHE B 174 0.27 -7.71 -31.66
C PHE B 174 -0.18 -8.96 -32.39
N GLU B 175 -1.22 -8.83 -33.21
CA GLU B 175 -1.67 -9.97 -33.99
C GLU B 175 -0.60 -10.40 -35.00
N ASP B 176 0.00 -9.44 -35.69
CA ASP B 176 1.03 -9.78 -36.67
C ASP B 176 2.21 -10.49 -36.01
N SER B 177 2.71 -9.92 -34.91
CA SER B 177 3.86 -10.52 -34.23
C SER B 177 3.49 -11.84 -33.57
N PHE B 178 2.22 -12.01 -33.21
CA PHE B 178 1.78 -13.25 -32.58
C PHE B 178 1.89 -14.42 -33.53
N GLN B 179 1.44 -14.24 -34.78
CA GLN B 179 1.32 -15.37 -35.68
C GLN B 179 2.69 -15.81 -36.19
N GLN B 180 3.59 -14.86 -36.44
CA GLN B 180 4.91 -15.19 -36.97
C GLN B 180 5.81 -15.83 -35.93
N ILE B 181 5.77 -15.31 -34.69
CA ILE B 181 6.63 -15.87 -33.65
C ILE B 181 6.16 -17.27 -33.29
N MET B 182 4.85 -17.49 -33.26
CA MET B 182 4.34 -18.83 -32.98
C MET B 182 4.48 -19.77 -34.16
N ALA B 183 4.63 -19.25 -35.38
CA ALA B 183 4.84 -20.15 -36.49
C ALA B 183 6.28 -20.61 -36.65
N LEU B 184 7.15 -20.23 -35.72
CA LEU B 184 8.56 -20.53 -35.85
C LEU B 184 8.96 -21.63 -34.89
N LYS B 185 9.91 -22.45 -35.33
CA LYS B 185 10.52 -23.41 -34.44
C LYS B 185 11.11 -22.67 -33.24
N PRO B 186 11.06 -23.27 -32.05
CA PRO B 186 11.39 -22.50 -30.85
C PRO B 186 12.82 -21.97 -30.84
N TYR B 187 13.79 -22.81 -31.21
CA TYR B 187 15.17 -22.36 -31.20
C TYR B 187 15.44 -21.36 -32.31
N ASP B 188 14.68 -21.43 -33.41
CA ASP B 188 14.87 -20.47 -34.50
C ASP B 188 14.74 -19.02 -34.04
N LEU B 189 14.13 -18.78 -32.88
CA LEU B 189 14.09 -17.43 -32.34
C LEU B 189 15.45 -16.99 -31.80
N ARG B 190 16.41 -17.91 -31.72
CA ARG B 190 17.78 -17.61 -31.37
C ARG B 190 18.63 -17.16 -32.54
N ARG B 191 18.04 -16.92 -33.71
CA ARG B 191 18.81 -16.38 -34.82
C ARG B 191 18.74 -14.86 -34.75
N ARG B 192 19.52 -14.20 -35.59
CA ARG B 192 19.42 -12.74 -35.63
C ARG B 192 18.01 -12.32 -36.01
N LEU B 193 17.47 -11.33 -35.30
CA LEU B 193 16.12 -10.85 -35.55
C LEU B 193 16.14 -9.75 -36.60
N TYR B 194 15.20 -9.81 -37.54
CA TYR B 194 15.05 -8.77 -38.56
C TYR B 194 13.59 -8.33 -38.55
N VAL B 195 13.31 -7.16 -37.99
CA VAL B 195 11.94 -6.68 -37.85
C VAL B 195 11.72 -5.58 -38.87
N ILE B 196 10.81 -5.81 -39.81
CA ILE B 196 10.42 -4.81 -40.79
C ILE B 196 8.99 -4.37 -40.47
N PHE B 197 8.79 -3.07 -40.46
CA PHE B 197 7.45 -2.49 -40.33
C PHE B 197 6.88 -2.26 -41.71
N ARG B 198 5.92 -3.08 -42.11
CA ARG B 198 5.27 -2.99 -43.41
C ARG B 198 4.70 -1.60 -43.70
N GLY B 207 17.03 1.46 -34.51
CA GLY B 207 16.92 0.09 -34.02
C GLY B 207 15.47 -0.35 -34.15
N LEU B 208 15.14 -0.98 -35.28
CA LEU B 208 13.77 -1.44 -35.51
C LEU B 208 13.38 -2.57 -34.57
N ALA B 209 14.36 -3.36 -34.10
CA ALA B 209 14.06 -4.41 -33.13
C ALA B 209 13.72 -3.81 -31.76
N ARG B 210 14.42 -2.74 -31.39
CA ARG B 210 14.14 -2.03 -30.14
C ARG B 210 12.70 -1.55 -30.11
N GLU B 211 12.31 -0.73 -31.09
CA GLU B 211 10.92 -0.27 -31.16
C GLU B 211 9.93 -1.43 -31.12
N TRP B 212 10.30 -2.58 -31.69
CA TRP B 212 9.44 -3.76 -31.68
C TRP B 212 9.30 -4.35 -30.26
N PHE B 213 10.40 -4.41 -29.53
CA PHE B 213 10.30 -4.90 -28.16
C PHE B 213 9.55 -3.91 -27.27
N PHE B 214 9.76 -2.62 -27.51
CA PHE B 214 9.02 -1.59 -26.79
C PHE B 214 7.52 -1.69 -27.09
N LEU B 215 7.15 -1.60 -28.37
CA LEU B 215 5.74 -1.50 -28.72
C LEU B 215 4.98 -2.76 -28.32
N LEU B 216 5.55 -3.93 -28.58
CA LEU B 216 4.90 -5.18 -28.18
C LEU B 216 4.69 -5.24 -26.67
N SER B 217 5.72 -4.86 -25.90
CA SER B 217 5.59 -4.87 -24.46
C SER B 217 4.50 -3.93 -23.96
N HIS B 218 4.15 -2.91 -24.74
CA HIS B 218 3.01 -2.08 -24.37
C HIS B 218 1.69 -2.70 -24.81
N GLU B 219 1.59 -3.08 -26.08
CA GLU B 219 0.36 -3.65 -26.61
C GLU B 219 -0.15 -4.81 -25.76
N VAL B 220 0.76 -5.53 -25.10
CA VAL B 220 0.35 -6.71 -24.32
C VAL B 220 -0.71 -6.32 -23.30
N LEU B 221 -0.53 -5.19 -22.62
CA LEU B 221 -1.46 -4.71 -21.62
C LEU B 221 -2.79 -4.18 -22.22
N ASN B 222 -3.11 -4.53 -23.46
CA ASN B 222 -4.37 -4.07 -24.06
C ASN B 222 -5.56 -4.74 -23.38
N PRO B 223 -6.49 -3.98 -22.79
CA PRO B 223 -7.59 -4.62 -22.05
C PRO B 223 -8.45 -5.55 -22.91
N MET B 224 -8.61 -5.25 -24.21
CA MET B 224 -9.42 -6.12 -25.07
C MET B 224 -8.93 -7.56 -24.99
N TYR B 225 -7.62 -7.76 -25.13
CA TYR B 225 -7.08 -9.11 -25.14
C TYR B 225 -7.34 -9.83 -23.81
N CYS B 226 -7.51 -9.09 -22.72
CA CYS B 226 -7.91 -9.63 -21.42
C CYS B 226 -6.87 -10.55 -20.78
N LEU B 227 -5.60 -10.46 -21.17
CA LEU B 227 -4.58 -11.32 -20.57
C LEU B 227 -4.02 -10.75 -19.26
N PHE B 228 -4.00 -9.43 -19.11
CA PHE B 228 -3.38 -8.83 -17.94
C PHE B 228 -4.35 -7.89 -17.24
N GLU B 229 -4.16 -7.76 -15.94
CA GLU B 229 -4.96 -6.87 -15.12
C GLU B 229 -4.12 -5.66 -14.73
N TYR B 230 -4.68 -4.83 -13.86
CA TYR B 230 -3.98 -3.70 -13.29
C TYR B 230 -3.24 -4.13 -12.03
N ALA B 231 -1.95 -3.82 -11.97
CA ALA B 231 -1.20 -4.00 -10.70
C ALA B 231 -0.84 -2.65 -10.08
N TYR B 236 3.34 0.16 -16.14
CA TYR B 236 4.44 -0.66 -16.65
C TYR B 236 4.72 -1.88 -15.77
N CYS B 237 3.69 -2.41 -15.12
CA CYS B 237 3.81 -3.59 -14.28
C CYS B 237 2.69 -4.55 -14.63
N LEU B 238 3.04 -5.78 -14.96
CA LEU B 238 2.11 -6.78 -15.48
C LEU B 238 1.59 -7.66 -14.36
N GLN B 239 0.35 -8.12 -14.52
CA GLN B 239 -0.19 -9.15 -13.65
C GLN B 239 -1.19 -9.98 -14.45
N ILE B 240 -0.93 -11.28 -14.51
CA ILE B 240 -1.80 -12.22 -15.22
C ILE B 240 -3.22 -12.02 -14.73
N ASN B 241 -4.13 -11.75 -15.66
CA ASN B 241 -5.54 -11.67 -15.31
C ASN B 241 -6.06 -13.08 -15.08
N PRO B 242 -6.57 -13.40 -13.89
CA PRO B 242 -7.15 -14.73 -13.68
C PRO B 242 -8.37 -15.02 -14.54
N ALA B 243 -9.02 -14.00 -15.11
CA ALA B 243 -10.16 -14.18 -16.00
C ALA B 243 -9.77 -14.20 -17.47
N SER B 244 -8.46 -14.35 -17.76
CA SER B 244 -8.01 -14.54 -19.14
C SER B 244 -8.66 -15.75 -19.81
N THR B 245 -9.36 -16.61 -19.07
CA THR B 245 -10.08 -17.68 -19.73
C THR B 245 -11.29 -17.17 -20.52
N ILE B 246 -11.62 -15.87 -20.40
CA ILE B 246 -12.61 -15.25 -21.27
C ILE B 246 -12.21 -15.40 -22.74
N ASN B 247 -10.90 -15.39 -23.00
CA ASN B 247 -10.28 -15.58 -24.30
C ASN B 247 -9.87 -17.04 -24.41
N PRO B 248 -10.58 -17.87 -25.19
CA PRO B 248 -10.28 -19.30 -25.20
C PRO B 248 -8.92 -19.65 -25.80
N ASP B 249 -8.26 -18.73 -26.48
CA ASP B 249 -6.87 -18.96 -26.91
C ASP B 249 -5.86 -18.44 -25.90
N HIS B 250 -6.29 -18.09 -24.69
CA HIS B 250 -5.41 -17.35 -23.77
C HIS B 250 -4.10 -18.08 -23.55
N LEU B 251 -4.14 -19.41 -23.43
CA LEU B 251 -2.88 -20.10 -23.19
C LEU B 251 -1.93 -19.96 -24.37
N SER B 252 -2.46 -19.87 -25.59
CA SER B 252 -1.61 -19.65 -26.76
C SER B 252 -0.93 -18.28 -26.71
N TYR B 253 -1.66 -17.25 -26.28
CA TYR B 253 -1.05 -15.94 -26.07
C TYR B 253 -0.01 -15.94 -24.95
N PHE B 254 -0.20 -16.75 -23.90
CA PHE B 254 0.82 -16.72 -22.85
C PHE B 254 2.08 -17.47 -23.27
N CYS B 255 1.94 -18.56 -24.02
CA CYS B 255 3.11 -19.18 -24.64
C CYS B 255 3.88 -18.16 -25.47
N PHE B 256 3.16 -17.34 -26.25
CA PHE B 256 3.80 -16.28 -27.03
C PHE B 256 4.53 -15.29 -26.13
N ILE B 257 3.88 -14.86 -25.04
CA ILE B 257 4.49 -13.88 -24.13
C ILE B 257 5.76 -14.44 -23.51
N GLY B 258 5.72 -15.72 -23.11
CA GLY B 258 6.95 -16.36 -22.66
C GLY B 258 8.04 -16.31 -23.70
N ARG B 259 7.73 -16.76 -24.92
CA ARG B 259 8.69 -16.70 -26.01
C ARG B 259 9.18 -15.28 -26.24
N PHE B 260 8.27 -14.32 -26.19
CA PHE B 260 8.62 -12.92 -26.36
C PHE B 260 9.63 -12.49 -25.30
N ILE B 261 9.26 -12.67 -24.02
CA ILE B 261 10.15 -12.27 -22.93
C ILE B 261 11.50 -12.95 -23.09
N ALA B 262 11.52 -14.24 -23.40
CA ALA B 262 12.79 -14.95 -23.52
C ALA B 262 13.61 -14.39 -24.68
N MET B 263 12.96 -14.00 -25.78
CA MET B 263 13.67 -13.38 -26.90
C MET B 263 14.40 -12.11 -26.48
N ALA B 264 13.71 -11.24 -25.76
CA ALA B 264 14.30 -10.03 -25.18
C ALA B 264 15.59 -10.34 -24.44
N LEU B 265 15.54 -11.30 -23.51
CA LEU B 265 16.72 -11.64 -22.71
C LEU B 265 17.85 -12.15 -23.59
N PHE B 266 17.57 -13.16 -24.41
CA PHE B 266 18.60 -13.78 -25.24
C PHE B 266 19.30 -12.77 -26.15
N HIS B 267 18.52 -11.97 -26.87
CA HIS B 267 19.09 -10.97 -27.78
C HIS B 267 19.56 -9.73 -27.05
N GLY B 268 19.35 -9.65 -25.74
CA GLY B 268 19.79 -8.52 -24.93
C GLY B 268 19.05 -7.24 -25.20
N LYS B 269 17.73 -7.31 -25.33
CA LYS B 269 16.91 -6.12 -25.52
C LYS B 269 16.03 -5.93 -24.30
N PHE B 270 15.79 -4.67 -23.95
CA PHE B 270 14.95 -4.36 -22.82
C PHE B 270 13.49 -4.32 -23.25
N ILE B 271 12.61 -4.52 -22.29
CA ILE B 271 11.19 -4.36 -22.50
C ILE B 271 10.75 -3.26 -21.56
N ASP B 272 9.67 -2.58 -21.92
CA ASP B 272 9.19 -1.46 -21.11
C ASP B 272 8.06 -1.86 -20.18
N THR B 273 7.64 -3.11 -20.17
CA THR B 273 6.78 -3.59 -19.11
C THR B 273 7.49 -4.70 -18.38
N GLY B 274 6.89 -5.15 -17.28
CA GLY B 274 7.54 -6.19 -16.51
C GLY B 274 6.63 -6.74 -15.46
N PHE B 275 6.98 -7.94 -14.99
CA PHE B 275 6.19 -8.60 -13.97
C PHE B 275 6.61 -8.14 -12.58
N SER B 276 5.95 -8.70 -11.57
CA SER B 276 6.22 -8.37 -10.19
C SER B 276 7.46 -9.11 -9.69
N LEU B 277 7.89 -8.73 -8.48
CA LEU B 277 9.01 -9.47 -7.91
C LEU B 277 8.56 -10.87 -7.49
N PRO B 278 7.37 -11.08 -6.92
CA PRO B 278 6.99 -12.47 -6.62
C PRO B 278 6.82 -13.32 -7.86
N PHE B 279 6.50 -12.73 -9.01
CA PHE B 279 6.39 -13.53 -10.23
C PHE B 279 7.75 -14.09 -10.66
N TYR B 280 8.76 -13.23 -10.77
CA TYR B 280 10.10 -13.67 -11.13
C TYR B 280 10.59 -14.74 -10.16
N LYS B 281 10.10 -14.72 -8.92
CA LYS B 281 10.52 -15.72 -7.94
C LYS B 281 10.17 -17.13 -8.37
N ARG B 282 8.92 -17.37 -8.81
CA ARG B 282 8.55 -18.68 -9.29
C ARG B 282 9.24 -19.00 -10.61
N MET B 283 9.35 -18.00 -11.48
CA MET B 283 10.14 -18.11 -12.70
C MET B 283 11.51 -18.73 -12.43
N LEU B 284 12.21 -18.22 -11.42
CA LEU B 284 13.47 -18.79 -10.98
C LEU B 284 13.29 -19.93 -9.98
N SER B 285 12.08 -20.44 -9.81
CA SER B 285 11.85 -21.58 -8.93
C SER B 285 12.34 -21.33 -7.51
N LYS B 286 12.01 -20.15 -6.99
CA LYS B 286 12.22 -19.83 -5.59
C LYS B 286 10.92 -20.04 -4.81
N LYS B 287 11.04 -20.04 -3.48
CA LYS B 287 9.90 -20.25 -2.60
C LYS B 287 9.31 -18.91 -2.20
N LEU B 288 8.03 -18.70 -2.55
CA LEU B 288 7.33 -17.46 -2.19
C LEU B 288 7.13 -17.38 -0.68
N THR B 289 7.63 -16.32 -0.06
CA THR B 289 7.48 -16.14 1.38
C THR B 289 6.12 -15.53 1.72
N ILE B 290 5.82 -15.52 3.02
CA ILE B 290 4.60 -14.90 3.51
C ILE B 290 4.63 -13.39 3.29
N LYS B 291 5.83 -12.80 3.19
CA LYS B 291 5.97 -11.36 3.01
C LYS B 291 5.67 -10.93 1.58
N ASP B 292 5.83 -11.82 0.60
CA ASP B 292 5.50 -11.49 -0.78
C ASP B 292 4.00 -11.37 -0.98
N LEU B 293 3.21 -11.95 -0.07
CA LEU B 293 1.76 -11.83 -0.10
C LEU B 293 1.29 -10.40 0.19
N GLU B 294 2.12 -9.60 0.86
CA GLU B 294 1.75 -8.22 1.14
C GLU B 294 1.60 -7.44 -0.15
N SER B 295 2.47 -7.70 -1.13
CA SER B 295 2.36 -7.08 -2.43
C SER B 295 1.15 -7.58 -3.20
N ILE B 296 0.65 -8.78 -2.88
CA ILE B 296 -0.46 -9.39 -3.60
C ILE B 296 -1.78 -8.98 -2.95
N ASP B 297 -2.02 -9.46 -1.72
CA ASP B 297 -3.29 -9.26 -1.01
C ASP B 297 -3.01 -8.84 0.43
N THR B 298 -3.08 -7.54 0.69
CA THR B 298 -2.72 -7.02 2.01
C THR B 298 -3.68 -7.52 3.08
N GLU B 299 -5.00 -7.43 2.82
CA GLU B 299 -5.98 -7.92 3.78
C GLU B 299 -5.77 -9.40 4.07
N PHE B 300 -5.52 -10.18 3.02
CA PHE B 300 -5.32 -11.60 3.23
C PHE B 300 -4.03 -11.84 4.02
N TYR B 301 -2.97 -11.09 3.72
CA TYR B 301 -1.74 -11.16 4.50
C TYR B 301 -1.98 -10.90 5.98
N ASN B 302 -2.72 -9.85 6.31
CA ASN B 302 -2.84 -9.53 7.73
C ASN B 302 -3.66 -10.57 8.50
N SER B 303 -4.68 -11.17 7.87
CA SER B 303 -5.36 -12.27 8.52
C SER B 303 -4.41 -13.43 8.80
N LEU B 304 -3.51 -13.71 7.85
CA LEU B 304 -2.53 -14.77 8.04
C LEU B 304 -1.53 -14.42 9.13
N ILE B 305 -1.00 -13.20 9.09
CA ILE B 305 -0.05 -12.80 10.13
C ILE B 305 -0.71 -12.84 11.50
N TRP B 306 -1.95 -12.31 11.61
CA TRP B 306 -2.73 -12.42 12.85
C TRP B 306 -2.82 -13.86 13.33
N ILE B 307 -3.10 -14.79 12.41
CA ILE B 307 -3.18 -16.20 12.78
C ILE B 307 -1.83 -16.68 13.28
N ARG B 308 -0.74 -16.09 12.77
CA ARG B 308 0.59 -16.61 13.06
C ARG B 308 1.11 -16.13 14.41
N ASP B 309 0.65 -14.98 14.91
CA ASP B 309 1.26 -14.35 16.07
C ASP B 309 0.46 -14.48 17.35
N ASN B 310 -0.83 -14.80 17.27
CA ASN B 310 -1.67 -14.90 18.46
C ASN B 310 -1.91 -16.36 18.83
N ASN B 311 -2.58 -16.56 19.95
CA ASN B 311 -2.99 -17.90 20.38
C ASN B 311 -4.35 -18.19 19.75
N ILE B 312 -4.36 -19.07 18.74
CA ILE B 312 -5.58 -19.50 18.07
C ILE B 312 -6.57 -20.14 19.05
N GLU B 313 -6.14 -20.32 20.30
CA GLU B 313 -7.08 -20.67 21.38
C GLU B 313 -8.10 -19.57 21.63
N GLU B 314 -8.04 -18.45 20.88
CA GLU B 314 -9.05 -17.40 20.89
C GLU B 314 -10.31 -17.77 20.10
N CYS B 315 -10.59 -19.08 19.95
CA CYS B 315 -11.80 -19.70 19.38
C CYS B 315 -11.87 -19.74 17.86
N GLY B 316 -10.80 -19.40 17.16
CA GLY B 316 -10.79 -19.51 15.71
C GLY B 316 -11.23 -20.89 15.27
N LEU B 317 -12.29 -20.96 14.47
CA LEU B 317 -12.82 -22.25 14.02
C LEU B 317 -12.53 -22.37 12.52
N GLU B 318 -11.34 -22.83 12.20
CA GLU B 318 -10.92 -22.94 10.80
C GLU B 318 -10.36 -24.32 10.50
N MET B 319 -10.59 -24.75 9.27
CA MET B 319 -10.13 -26.03 8.79
C MET B 319 -9.40 -25.83 7.47
N TYR B 320 -8.57 -26.80 7.09
CA TYR B 320 -7.66 -26.66 5.94
C TYR B 320 -8.43 -26.79 4.62
N PHE B 321 -9.32 -25.82 4.36
CA PHE B 321 -10.23 -25.91 3.22
C PHE B 321 -10.45 -24.52 2.60
N SER B 322 -10.75 -24.52 1.29
CA SER B 322 -10.95 -23.32 0.48
C SER B 322 -9.77 -22.36 0.62
N ASP B 335 -15.47 -26.02 -1.88
CA ASP B 335 -14.60 -26.39 -0.77
C ASP B 335 -13.31 -27.09 -1.23
N LEU B 336 -12.25 -26.32 -1.50
CA LEU B 336 -10.97 -26.87 -1.95
C LEU B 336 -10.14 -27.23 -0.72
N LYS B 337 -9.78 -28.50 -0.58
CA LYS B 337 -8.99 -28.94 0.56
C LYS B 337 -7.52 -28.75 0.23
N LEU B 338 -6.85 -27.89 1.01
CA LEU B 338 -5.41 -27.70 0.87
C LEU B 338 -4.62 -28.95 1.22
N GLY B 339 -5.18 -29.84 2.03
CA GLY B 339 -4.49 -31.05 2.44
C GLY B 339 -5.30 -32.29 2.15
N GLY B 340 -5.73 -32.98 3.20
CA GLY B 340 -6.46 -34.21 3.04
C GLY B 340 -7.79 -34.20 3.78
N SER B 341 -8.19 -33.04 4.29
CA SER B 341 -9.44 -32.95 5.05
C SER B 341 -9.94 -31.52 5.08
N ASN B 342 -11.22 -31.35 4.78
CA ASN B 342 -11.98 -30.15 5.07
C ASN B 342 -12.52 -30.15 6.48
N ILE B 343 -11.93 -30.96 7.35
CA ILE B 343 -12.41 -31.13 8.72
C ILE B 343 -11.21 -31.24 9.63
N LEU B 344 -10.03 -30.83 9.15
CA LEU B 344 -8.84 -30.78 9.99
C LEU B 344 -8.80 -29.40 10.65
N VAL B 345 -9.19 -29.33 11.92
CA VAL B 345 -9.22 -28.06 12.63
C VAL B 345 -7.80 -27.53 12.79
N THR B 346 -7.63 -26.23 12.50
CA THR B 346 -6.34 -25.56 12.68
C THR B 346 -6.08 -25.33 14.17
N GLU B 347 -4.92 -25.78 14.65
CA GLU B 347 -4.60 -25.78 16.08
C GLU B 347 -3.14 -25.42 16.35
N GLU B 348 -2.36 -26.34 16.92
CA GLU B 348 -0.91 -26.17 16.98
C GLU B 348 -0.24 -26.52 15.64
N ASN B 349 -1.02 -26.50 14.57
CA ASN B 349 -0.57 -26.81 13.22
C ASN B 349 -0.75 -25.61 12.29
N LYS B 350 -0.63 -24.40 12.85
CA LYS B 350 -0.95 -23.18 12.10
C LYS B 350 0.09 -22.90 11.01
N ASP B 351 1.37 -23.13 11.30
CA ASP B 351 2.39 -22.80 10.31
C ASP B 351 2.20 -23.58 9.02
N GLU B 352 1.86 -24.87 9.11
CA GLU B 352 1.54 -25.63 7.90
C GLU B 352 0.36 -25.01 7.17
N TYR B 353 -0.67 -24.58 7.90
CA TYR B 353 -1.84 -23.98 7.27
C TYR B 353 -1.52 -22.63 6.63
N ILE B 354 -0.59 -21.86 7.18
CA ILE B 354 -0.27 -20.55 6.62
C ILE B 354 0.50 -20.69 5.31
N GLY B 355 1.55 -21.52 5.33
CA GLY B 355 2.23 -21.86 4.10
C GLY B 355 1.28 -22.34 3.02
N LEU B 356 0.31 -23.16 3.42
CA LEU B 356 -0.65 -23.69 2.44
C LEU B 356 -1.59 -22.60 1.96
N MET B 357 -2.05 -21.70 2.86
CA MET B 357 -2.90 -20.59 2.41
C MET B 357 -2.13 -19.67 1.48
N THR B 358 -0.90 -19.34 1.84
CA THR B 358 -0.07 -18.49 1.00
C THR B 358 0.07 -19.11 -0.40
N GLU B 359 0.55 -20.36 -0.46
CA GLU B 359 0.79 -20.97 -1.77
C GLU B 359 -0.48 -20.96 -2.61
N TRP B 360 -1.62 -21.31 -2.02
CA TRP B 360 -2.86 -21.24 -2.78
C TRP B 360 -3.15 -19.83 -3.27
N ARG B 361 -2.84 -18.82 -2.45
CA ARG B 361 -3.22 -17.45 -2.80
C ARG B 361 -2.41 -16.92 -3.99
N PHE B 362 -1.14 -17.32 -4.11
CA PHE B 362 -0.34 -16.91 -5.26
C PHE B 362 -0.81 -17.59 -6.54
N SER B 363 -1.08 -18.89 -6.49
CA SER B 363 -1.39 -19.65 -7.69
C SER B 363 -2.86 -19.63 -8.05
N ARG B 364 -3.69 -18.94 -7.28
CA ARG B 364 -5.15 -19.04 -7.42
C ARG B 364 -5.59 -18.47 -8.76
N GLY B 365 -6.28 -19.32 -9.55
CA GLY B 365 -6.84 -18.94 -10.84
C GLY B 365 -5.86 -18.60 -11.95
N VAL B 366 -4.58 -18.98 -11.81
CA VAL B 366 -3.53 -18.37 -12.61
C VAL B 366 -2.49 -19.41 -13.02
N GLN B 367 -2.65 -20.64 -12.51
CA GLN B 367 -1.59 -21.64 -12.66
C GLN B 367 -1.42 -22.10 -14.11
N GLU B 368 -2.51 -22.30 -14.84
CA GLU B 368 -2.39 -22.73 -16.23
C GLU B 368 -1.71 -21.66 -17.07
N GLN B 369 -2.06 -20.41 -16.84
CA GLN B 369 -1.43 -19.32 -17.55
C GLN B 369 0.05 -19.28 -17.24
N THR B 370 0.39 -19.44 -15.96
CA THR B 370 1.79 -19.38 -15.56
C THR B 370 2.60 -20.49 -16.21
N LYS B 371 2.06 -21.70 -16.25
CA LYS B 371 2.75 -22.82 -16.86
C LYS B 371 2.94 -22.58 -18.36
N ALA B 372 1.92 -22.02 -19.03
CA ALA B 372 2.09 -21.71 -20.45
C ALA B 372 3.15 -20.64 -20.65
N PHE B 373 3.24 -19.68 -19.73
CA PHE B 373 4.30 -18.68 -19.85
C PHE B 373 5.69 -19.30 -19.66
N LEU B 374 5.89 -20.00 -18.53
CA LEU B 374 7.18 -20.60 -18.26
C LEU B 374 7.59 -21.63 -19.31
N ASP B 375 6.63 -22.42 -19.81
CA ASP B 375 6.94 -23.36 -20.89
C ASP B 375 7.36 -22.64 -22.17
N GLY B 376 6.67 -21.56 -22.53
CA GLY B 376 7.07 -20.82 -23.73
C GLY B 376 8.43 -20.16 -23.55
N PHE B 377 8.68 -19.64 -22.35
CA PHE B 377 10.00 -19.09 -22.03
C PHE B 377 11.07 -20.17 -22.17
N ASN B 378 10.85 -21.30 -21.51
CA ASN B 378 11.89 -22.30 -21.36
C ASN B 378 12.31 -22.86 -22.69
N GLU B 379 11.41 -22.91 -23.67
CA GLU B 379 11.79 -23.41 -25.01
C GLU B 379 12.86 -22.55 -25.66
N VAL B 380 12.98 -21.28 -25.29
CA VAL B 380 13.91 -20.37 -25.94
C VAL B 380 15.15 -20.13 -25.10
N VAL B 381 14.95 -19.71 -23.85
CA VAL B 381 16.01 -19.60 -22.86
C VAL B 381 15.64 -20.59 -21.77
N PRO B 382 16.33 -21.73 -21.68
CA PRO B 382 16.12 -22.62 -20.53
C PRO B 382 16.28 -21.84 -19.23
N LEU B 383 15.35 -22.09 -18.28
CA LEU B 383 15.39 -21.38 -17.02
C LEU B 383 16.62 -21.72 -16.18
N GLN B 384 17.30 -22.83 -16.48
CA GLN B 384 18.54 -23.15 -15.79
C GLN B 384 19.61 -22.10 -16.07
N TRP B 385 19.57 -21.49 -17.25
CA TRP B 385 20.49 -20.40 -17.53
C TRP B 385 20.37 -19.26 -16.54
N LEU B 386 19.27 -19.18 -15.80
CA LEU B 386 19.02 -18.08 -14.87
C LEU B 386 19.28 -18.49 -13.42
N GLN B 387 20.14 -19.48 -13.20
CA GLN B 387 20.23 -20.09 -11.88
C GLN B 387 20.88 -19.16 -10.86
N TYR B 388 21.90 -18.41 -11.27
CA TYR B 388 22.61 -17.56 -10.34
C TYR B 388 21.90 -16.23 -10.04
N PHE B 389 20.78 -15.92 -10.70
CA PHE B 389 20.10 -14.64 -10.51
C PHE B 389 19.02 -14.70 -9.43
N ASP B 390 18.80 -13.57 -8.77
CA ASP B 390 17.63 -13.42 -7.92
C ASP B 390 16.57 -12.58 -8.63
N GLU B 391 15.39 -12.54 -8.00
CA GLU B 391 14.24 -11.80 -8.51
C GLU B 391 14.61 -10.36 -8.92
N LYS B 392 15.35 -9.64 -8.06
CA LYS B 392 15.66 -8.24 -8.36
C LYS B 392 16.54 -8.12 -9.58
N GLU B 393 17.64 -8.89 -9.62
CA GLU B 393 18.48 -8.93 -10.81
C GLU B 393 17.66 -9.25 -12.05
N LEU B 394 16.75 -10.23 -11.96
CA LEU B 394 15.94 -10.55 -13.12
C LEU B 394 15.10 -9.36 -13.57
N GLU B 395 14.61 -8.55 -12.63
CA GLU B 395 13.79 -7.42 -13.02
C GLU B 395 14.60 -6.42 -13.85
N VAL B 396 15.83 -6.12 -13.41
CA VAL B 396 16.63 -5.10 -14.07
C VAL B 396 17.19 -5.58 -15.41
N MET B 397 17.45 -6.89 -15.53
CA MET B 397 17.85 -7.46 -16.82
C MET B 397 16.82 -7.18 -17.90
N LEU B 398 15.53 -7.20 -17.55
CA LEU B 398 14.48 -7.09 -18.56
C LEU B 398 14.19 -5.66 -18.95
N CYS B 399 14.29 -4.70 -18.02
CA CYS B 399 13.94 -3.32 -18.33
C CYS B 399 15.12 -2.34 -18.34
N GLY B 400 16.27 -2.70 -17.80
CA GLY B 400 17.42 -1.82 -17.86
C GLY B 400 17.51 -0.88 -16.68
N MET B 401 18.72 -0.38 -16.45
CA MET B 401 18.98 0.57 -15.36
C MET B 401 18.71 2.00 -15.81
N GLN B 402 18.60 2.88 -14.83
CA GLN B 402 18.58 4.32 -15.04
C GLN B 402 19.21 4.99 -13.83
N GLU B 403 19.75 6.20 -14.02
CA GLU B 403 20.19 7.00 -12.87
C GLU B 403 18.99 7.34 -12.00
N VAL B 404 19.12 7.15 -10.71
CA VAL B 404 18.08 7.55 -9.76
C VAL B 404 18.31 9.00 -9.34
N ASP B 405 17.26 9.82 -9.41
CA ASP B 405 17.35 11.25 -9.10
C ASP B 405 17.27 11.45 -7.60
N LEU B 406 18.44 11.57 -6.94
CA LEU B 406 18.43 11.75 -5.49
C LEU B 406 17.65 12.98 -5.08
N ALA B 407 17.83 14.11 -5.76
CA ALA B 407 17.10 15.33 -5.42
C ALA B 407 15.60 15.10 -5.43
N ASP B 408 15.09 14.43 -6.49
CA ASP B 408 13.66 14.18 -6.54
C ASP B 408 13.23 13.27 -5.41
N TRP B 409 13.98 12.18 -5.20
CA TRP B 409 13.75 11.25 -4.10
C TRP B 409 13.61 12.00 -2.78
N GLN B 410 14.69 12.66 -2.35
CA GLN B 410 14.69 13.39 -1.09
C GLN B 410 13.56 14.41 -1.02
N ARG B 411 13.18 14.99 -2.17
CA ARG B 411 12.13 16.01 -2.19
C ARG B 411 10.78 15.45 -1.77
N ASN B 412 10.51 14.18 -2.10
CA ASN B 412 9.19 13.61 -1.95
C ASN B 412 9.20 12.43 -1.00
N THR B 413 10.02 12.50 0.03
CA THR B 413 9.93 11.54 1.12
C THR B 413 9.11 12.12 2.26
N VAL B 414 8.36 11.25 2.92
CA VAL B 414 7.69 11.61 4.16
C VAL B 414 8.17 10.69 5.25
N TYR B 415 7.87 11.06 6.50
CA TYR B 415 8.50 10.45 7.67
C TYR B 415 7.50 10.25 8.80
N ARG B 416 7.72 9.17 9.56
CA ARG B 416 6.90 8.82 10.70
C ARG B 416 7.81 8.52 11.87
N HIS B 417 7.59 9.23 12.97
CA HIS B 417 8.44 9.14 14.15
C HIS B 417 9.88 9.48 13.79
N TYR B 418 10.07 10.05 12.60
CA TYR B 418 11.29 10.72 12.16
C TYR B 418 10.89 12.04 11.53
N THR B 419 11.83 12.98 11.46
CA THR B 419 11.74 14.05 10.50
C THR B 419 13.05 14.12 9.72
N ARG B 420 13.15 15.09 8.82
CA ARG B 420 14.41 15.26 8.11
C ARG B 420 15.54 15.78 9.00
N ASN B 421 15.25 16.13 10.25
CA ASN B 421 16.26 16.60 11.19
C ASN B 421 16.65 15.55 12.23
N SER B 422 16.20 14.32 12.10
CA SER B 422 16.72 13.24 12.93
C SER B 422 18.03 12.77 12.35
N LYS B 423 18.94 12.32 13.23
CA LYS B 423 20.26 11.90 12.76
C LYS B 423 20.15 10.74 11.76
N GLN B 424 19.21 9.81 12.01
CA GLN B 424 19.11 8.63 11.14
C GLN B 424 18.70 9.02 9.72
N ILE B 425 17.92 10.09 9.57
CA ILE B 425 17.48 10.53 8.25
C ILE B 425 18.58 11.31 7.53
N ILE B 426 19.35 12.10 8.27
CA ILE B 426 20.53 12.73 7.69
C ILE B 426 21.50 11.66 7.20
N TRP B 427 21.71 10.61 8.00
CA TRP B 427 22.62 9.53 7.61
C TRP B 427 22.11 8.78 6.39
N PHE B 428 20.80 8.46 6.37
CA PHE B 428 20.20 7.76 5.24
C PHE B 428 20.50 8.49 3.93
N TRP B 429 20.25 9.80 3.89
CA TRP B 429 20.45 10.58 2.67
C TRP B 429 21.93 10.76 2.32
N GLN B 430 22.80 10.84 3.32
CA GLN B 430 24.22 10.80 3.02
C GLN B 430 24.62 9.45 2.47
N PHE B 431 23.83 8.40 2.73
CA PHE B 431 24.16 7.06 2.25
C PHE B 431 23.78 6.88 0.77
N VAL B 432 22.56 7.25 0.41
CA VAL B 432 22.20 7.21 -1.00
C VAL B 432 23.11 8.11 -1.81
N LYS B 433 23.57 9.23 -1.23
CA LYS B 433 24.43 10.15 -1.97
C LYS B 433 25.84 9.61 -2.14
N GLU B 434 26.29 8.73 -1.24
CA GLU B 434 27.68 8.31 -1.22
C GLU B 434 27.91 7.01 -1.99
N THR B 435 26.94 6.60 -2.80
CA THR B 435 26.88 5.21 -3.20
C THR B 435 26.50 5.07 -4.68
N ASP B 436 26.85 3.91 -5.25
CA ASP B 436 26.69 3.65 -6.67
C ASP B 436 25.21 3.71 -7.07
N ASN B 437 24.98 3.70 -8.38
CA ASN B 437 23.60 3.68 -8.85
C ASN B 437 22.97 2.30 -8.70
N GLU B 438 23.75 1.23 -8.90
CA GLU B 438 23.24 -0.13 -8.67
C GLU B 438 22.67 -0.27 -7.25
N VAL B 439 23.41 0.17 -6.24
CA VAL B 439 22.93 0.01 -4.86
C VAL B 439 21.73 0.92 -4.60
N ARG B 440 21.68 2.08 -5.27
CA ARG B 440 20.45 2.88 -5.21
C ARG B 440 19.27 2.17 -5.86
N MET B 441 19.49 1.50 -6.99
CA MET B 441 18.41 0.74 -7.61
C MET B 441 17.98 -0.39 -6.69
N ARG B 442 18.93 -1.01 -6.02
CA ARG B 442 18.60 -2.12 -5.15
C ARG B 442 17.80 -1.63 -3.94
N LEU B 443 18.16 -0.46 -3.42
CA LEU B 443 17.42 0.08 -2.29
C LEU B 443 16.01 0.49 -2.73
N LEU B 444 15.88 1.04 -3.92
CA LEU B 444 14.56 1.35 -4.45
C LEU B 444 13.70 0.09 -4.60
N GLN B 445 14.31 -1.02 -5.04
CA GLN B 445 13.60 -2.29 -5.14
C GLN B 445 13.26 -2.84 -3.77
N PHE B 446 14.09 -2.57 -2.78
CA PHE B 446 13.84 -3.03 -1.42
C PHE B 446 12.54 -2.43 -0.88
N VAL B 447 12.36 -1.13 -1.05
CA VAL B 447 11.24 -0.43 -0.43
C VAL B 447 10.00 -0.41 -1.32
N THR B 448 10.16 -0.21 -2.63
CA THR B 448 8.96 -0.08 -3.48
C THR B 448 8.64 -1.31 -4.29
N GLY B 449 9.47 -2.34 -4.25
CA GLY B 449 9.17 -3.54 -4.98
C GLY B 449 9.45 -3.47 -6.47
N THR B 450 9.98 -2.36 -6.97
CA THR B 450 10.36 -2.26 -8.37
C THR B 450 11.49 -1.22 -8.50
N CYS B 451 12.36 -1.44 -9.47
CA CYS B 451 13.34 -0.44 -9.85
C CYS B 451 12.74 0.66 -10.71
N ARG B 452 11.50 0.49 -11.15
CA ARG B 452 10.85 1.47 -11.99
C ARG B 452 10.20 2.57 -11.15
N LEU B 453 10.03 3.74 -11.77
CA LEU B 453 9.34 4.88 -11.20
C LEU B 453 8.53 5.56 -12.28
N PRO B 454 7.39 6.13 -11.93
CA PRO B 454 6.46 6.63 -12.96
C PRO B 454 6.99 7.90 -13.60
N LEU B 455 6.49 8.16 -14.79
CA LEU B 455 6.61 9.48 -15.38
C LEU B 455 6.13 10.50 -14.36
N GLY B 456 7.00 11.45 -14.04
CA GLY B 456 6.77 12.42 -12.98
C GLY B 456 7.69 12.25 -11.81
N GLY B 457 8.18 11.05 -11.58
CA GLY B 457 9.12 10.82 -10.54
C GLY B 457 8.46 10.51 -9.21
N PHE B 458 9.23 10.74 -8.17
CA PHE B 458 8.83 10.36 -6.83
C PHE B 458 7.61 11.12 -6.34
N ALA B 459 7.25 12.24 -6.98
CA ALA B 459 6.05 12.94 -6.56
C ALA B 459 4.79 12.19 -6.93
N GLU B 460 4.84 11.34 -7.95
CA GLU B 460 3.66 10.63 -8.42
C GLU B 460 3.76 9.13 -8.11
N LEU B 461 4.49 8.83 -7.06
CA LEU B 461 4.69 7.44 -6.69
C LEU B 461 3.43 6.87 -6.01
N MET B 462 2.98 5.70 -6.46
CA MET B 462 1.73 5.12 -5.99
C MET B 462 2.02 3.80 -5.26
N GLY B 463 1.00 3.33 -4.57
CA GLY B 463 1.07 2.06 -3.86
C GLY B 463 -0.25 1.33 -4.00
N SER B 464 -0.56 0.44 -3.05
CA SER B 464 -1.70 -0.45 -3.20
C SER B 464 -3.03 0.30 -3.31
N ASN B 465 -3.15 1.45 -2.64
CA ASN B 465 -4.44 2.14 -2.51
C ASN B 465 -4.43 3.54 -3.10
N GLY B 466 -3.39 3.95 -3.82
CA GLY B 466 -3.41 5.20 -4.52
C GLY B 466 -2.15 5.99 -4.28
N PRO B 467 -2.24 7.31 -4.34
CA PRO B 467 -1.06 8.14 -4.06
C PRO B 467 -0.44 7.77 -2.73
N GLN B 468 0.88 7.64 -2.70
CA GLN B 468 1.58 7.31 -1.47
C GLN B 468 3.09 7.43 -1.61
N LYS B 469 3.70 8.46 -1.04
CA LYS B 469 5.08 8.69 -1.40
C LYS B 469 6.01 7.84 -0.54
N PHE B 470 7.25 7.77 -0.98
CA PHE B 470 8.33 7.14 -0.25
C PHE B 470 8.35 7.61 1.20
N CYS B 471 8.48 6.67 2.11
CA CYS B 471 8.30 6.94 3.53
C CYS B 471 9.33 6.19 4.37
N ILE B 472 9.95 6.91 5.31
CA ILE B 472 10.78 6.30 6.34
C ILE B 472 10.05 6.38 7.67
N GLU B 473 9.94 5.25 8.35
CA GLU B 473 9.28 5.13 9.64
C GLU B 473 10.29 4.63 10.66
N LYS B 474 10.23 5.22 11.86
CA LYS B 474 11.11 4.80 12.93
C LYS B 474 10.50 3.58 13.59
N VAL B 475 11.26 2.50 13.65
CA VAL B 475 10.75 1.24 14.18
C VAL B 475 11.84 0.60 15.03
N GLY B 476 11.53 0.35 16.31
CA GLY B 476 12.34 -0.53 17.13
C GLY B 476 13.57 0.12 17.77
N LYS B 477 14.52 -0.74 18.11
CA LYS B 477 15.81 -0.34 18.66
C LYS B 477 16.91 -0.63 17.64
N ASP B 478 18.09 -0.16 17.97
CA ASP B 478 19.27 -0.23 17.13
C ASP B 478 19.76 -1.65 16.91
N THR B 479 19.10 -2.71 17.36
CA THR B 479 19.60 -4.07 17.23
C THR B 479 18.98 -4.80 16.05
N TRP B 480 18.28 -4.08 15.20
CA TRP B 480 17.36 -4.68 14.25
C TRP B 480 17.84 -4.44 12.82
N LEU B 481 17.68 -5.44 11.97
CA LEU B 481 17.82 -5.17 10.57
C LEU B 481 16.65 -4.29 10.12
N PRO B 482 16.84 -3.51 9.05
CA PRO B 482 15.73 -2.73 8.49
C PRO B 482 14.79 -3.60 7.67
N ARG B 483 13.51 -3.19 7.66
CA ARG B 483 12.43 -3.94 7.05
C ARG B 483 11.65 -3.06 6.06
N SER B 484 10.89 -3.69 5.16
CA SER B 484 10.13 -2.96 4.14
C SER B 484 8.68 -3.39 4.12
N HIS B 485 7.81 -2.49 3.66
CA HIS B 485 6.46 -2.81 3.20
C HIS B 485 6.32 -2.16 1.82
N THR B 486 6.56 -2.94 0.77
CA THR B 486 6.52 -2.36 -0.57
C THR B 486 5.11 -1.90 -0.96
N CYS B 487 4.07 -2.54 -0.43
CA CYS B 487 2.71 -2.07 -0.67
C CYS B 487 2.48 -0.65 -0.19
N PHE B 488 3.36 -0.11 0.66
CA PHE B 488 3.25 1.23 1.21
C PHE B 488 4.43 2.11 0.86
N ASN B 489 5.36 1.62 0.04
CA ASN B 489 6.64 2.27 -0.22
C ASN B 489 7.25 2.82 1.07
N ARG B 490 7.22 1.99 2.10
CA ARG B 490 7.61 2.40 3.44
C ARG B 490 8.81 1.59 3.87
N LEU B 491 9.83 2.28 4.41
CA LEU B 491 11.04 1.66 4.93
C LEU B 491 11.03 1.72 6.46
N ASP B 492 11.21 0.59 7.10
CA ASP B 492 11.31 0.55 8.57
C ASP B 492 12.79 0.70 8.93
N LEU B 493 13.16 1.90 9.37
CA LEU B 493 14.54 2.19 9.75
C LEU B 493 14.67 2.23 11.27
N PRO B 494 15.25 1.22 11.91
CA PRO B 494 15.55 1.33 13.34
C PRO B 494 16.45 2.51 13.60
N PRO B 495 16.38 3.09 14.81
CA PRO B 495 17.20 4.28 15.15
C PRO B 495 18.62 3.93 15.55
N TYR B 496 19.47 3.69 14.56
CA TYR B 496 20.79 3.14 14.83
C TYR B 496 21.74 4.19 15.43
N LYS B 497 22.86 3.71 15.96
CA LYS B 497 23.74 4.54 16.79
C LYS B 497 24.65 5.47 15.99
N SER B 498 24.95 5.15 14.73
CA SER B 498 25.98 5.86 13.98
C SER B 498 25.77 5.62 12.49
N TYR B 499 26.48 6.42 11.68
CA TYR B 499 26.40 6.28 10.22
C TYR B 499 26.86 4.92 9.76
N GLU B 500 28.05 4.49 10.21
CA GLU B 500 28.58 3.18 9.82
C GLU B 500 27.59 2.07 10.15
N GLN B 501 27.12 2.02 11.40
CA GLN B 501 26.11 1.06 11.80
C GLN B 501 24.91 1.10 10.85
N LEU B 502 24.44 2.30 10.50
CA LEU B 502 23.31 2.40 9.58
C LEU B 502 23.70 1.88 8.21
N LYS B 503 24.86 2.30 7.70
CA LYS B 503 25.29 1.84 6.38
C LYS B 503 25.37 0.33 6.31
N GLU B 504 25.96 -0.31 7.33
CA GLU B 504 26.16 -1.75 7.21
C GLU B 504 24.84 -2.51 7.29
N LYS B 505 23.96 -2.14 8.22
CA LYS B 505 22.67 -2.84 8.33
C LYS B 505 21.88 -2.69 7.04
N LEU B 506 21.78 -1.47 6.52
CA LEU B 506 20.96 -1.24 5.35
C LEU B 506 21.55 -1.91 4.11
N LEU B 507 22.89 -1.94 3.99
CA LEU B 507 23.48 -2.66 2.87
C LEU B 507 23.16 -4.15 2.95
N PHE B 508 23.27 -4.73 4.14
CA PHE B 508 22.96 -6.15 4.31
C PHE B 508 21.49 -6.41 4.02
N ALA B 509 20.60 -5.55 4.51
CA ALA B 509 19.18 -5.81 4.30
C ALA B 509 18.82 -5.73 2.83
N ILE B 510 19.39 -4.75 2.14
CA ILE B 510 19.11 -4.55 0.73
C ILE B 510 19.68 -5.69 -0.12
N GLU B 511 20.72 -6.39 0.36
CA GLU B 511 21.28 -7.49 -0.42
C GLU B 511 20.72 -8.86 -0.06
N GLU B 512 20.10 -9.02 1.11
CA GLU B 512 19.79 -10.34 1.65
C GLU B 512 18.78 -11.08 0.79
N THR B 513 19.19 -12.21 0.23
CA THR B 513 18.27 -13.12 -0.44
C THR B 513 18.32 -14.51 0.18
C1 GOL C . 21.31 -4.18 -8.43
O1 GOL C . 21.26 -2.84 -8.89
C2 GOL C . 20.78 -5.10 -9.52
O2 GOL C . 21.25 -6.41 -9.26
C3 GOL C . 19.27 -5.16 -9.41
O3 GOL C . 18.98 -5.99 -8.31
#